data_1R1F
#
_entry.id   1R1F
#
_entity_poly.entity_id   1
_entity_poly.type   'polypeptide(L)'
_entity_poly.pdbx_seq_one_letter_code
;TFCGETCRVIPVCTYSAALGCTCDDRSDGLCKRNGDP
;
_entity_poly.pdbx_strand_id   A
#
# COMPACT_ATOMS: atom_id res chain seq x y z
N THR A 1 -1.27 -5.05 -6.93
CA THR A 1 -2.31 -4.30 -7.56
C THR A 1 -3.44 -4.09 -6.55
N PHE A 2 -3.16 -3.24 -5.57
CA PHE A 2 -4.09 -2.93 -4.50
C PHE A 2 -4.11 -4.03 -3.43
N CYS A 3 -3.25 -3.88 -2.42
CA CYS A 3 -3.16 -4.84 -1.31
C CYS A 3 -4.47 -4.88 -0.56
N GLY A 4 -4.83 -3.75 0.02
CA GLY A 4 -6.06 -3.66 0.76
C GLY A 4 -6.28 -2.29 1.36
N GLU A 5 -5.26 -1.76 2.04
CA GLU A 5 -5.37 -0.44 2.65
C GLU A 5 -5.09 0.67 1.64
N THR A 6 -4.77 1.84 2.15
CA THR A 6 -4.47 3.00 1.32
C THR A 6 -3.52 3.93 2.06
N CYS A 7 -2.58 4.52 1.33
CA CYS A 7 -1.62 5.42 1.95
C CYS A 7 -2.03 6.89 1.73
N ARG A 8 -2.51 7.54 2.80
CA ARG A 8 -2.93 8.95 2.73
C ARG A 8 -1.77 9.85 3.06
N VAL A 9 -1.99 10.78 3.99
CA VAL A 9 -0.93 11.66 4.40
C VAL A 9 -0.15 11.05 5.56
N ILE A 10 -0.21 9.73 5.56
CA ILE A 10 0.47 8.86 6.50
C ILE A 10 0.54 7.51 5.82
N PRO A 11 1.33 7.43 4.74
CA PRO A 11 1.43 6.23 3.91
C PRO A 11 2.05 5.02 4.59
N VAL A 12 2.43 4.10 3.71
CA VAL A 12 3.05 2.84 4.07
C VAL A 12 2.14 2.03 4.97
N CYS A 13 1.05 1.55 4.38
CA CYS A 13 0.08 0.73 5.10
C CYS A 13 0.79 -0.35 5.90
N THR A 14 0.74 -0.23 7.21
CA THR A 14 1.44 -1.14 8.11
C THR A 14 0.74 -2.50 8.30
N TYR A 15 -0.56 -2.59 8.10
CA TYR A 15 -1.26 -3.86 8.27
C TYR A 15 -0.88 -4.81 7.14
N SER A 16 -0.94 -4.30 5.93
CA SER A 16 -0.61 -5.05 4.74
C SER A 16 0.91 -5.14 4.56
N ALA A 17 1.63 -4.34 5.34
CA ALA A 17 3.09 -4.30 5.28
C ALA A 17 3.70 -5.66 5.63
N ALA A 18 2.94 -6.49 6.34
CA ALA A 18 3.40 -7.83 6.72
C ALA A 18 3.79 -8.63 5.48
N LEU A 19 3.02 -8.44 4.42
CA LEU A 19 3.26 -9.10 3.14
C LEU A 19 4.40 -8.44 2.39
N GLY A 20 4.68 -7.21 2.75
CA GLY A 20 5.72 -6.45 2.09
C GLY A 20 5.10 -5.54 1.06
N CYS A 21 3.78 -5.36 1.21
CA CYS A 21 2.99 -4.52 0.33
C CYS A 21 3.51 -3.10 0.33
N THR A 22 3.58 -2.50 -0.85
CA THR A 22 4.10 -1.16 -0.98
C THR A 22 3.15 -0.27 -1.74
N CYS A 23 2.99 0.93 -1.24
CA CYS A 23 2.12 1.91 -1.85
C CYS A 23 2.92 2.77 -2.82
N ASP A 24 2.22 3.51 -3.67
CA ASP A 24 2.88 4.40 -4.62
C ASP A 24 3.08 5.77 -3.98
N ASP A 25 2.06 6.22 -3.28
CA ASP A 25 2.05 7.50 -2.54
C ASP A 25 2.22 8.71 -3.42
N ARG A 26 1.22 9.55 -3.33
CA ARG A 26 1.15 10.79 -4.05
C ARG A 26 0.31 11.72 -3.22
N SER A 27 0.59 11.69 -1.91
CA SER A 27 -0.16 12.44 -0.91
C SER A 27 -1.40 11.62 -0.57
N ASP A 28 -1.73 10.73 -1.50
CA ASP A 28 -2.82 9.80 -1.41
C ASP A 28 -2.84 8.95 -2.67
N GLY A 29 -3.24 7.69 -2.54
CA GLY A 29 -3.26 6.80 -3.68
C GLY A 29 -3.92 5.49 -3.36
N LEU A 30 -3.11 4.43 -3.25
CA LEU A 30 -3.61 3.10 -2.97
C LEU A 30 -2.45 2.13 -2.75
N CYS A 31 -2.46 1.44 -1.61
CA CYS A 31 -1.39 0.49 -1.31
C CYS A 31 -1.47 -0.71 -2.24
N LYS A 32 -0.33 -1.15 -2.74
CA LYS A 32 -0.28 -2.26 -3.67
C LYS A 32 0.06 -3.56 -2.96
N ARG A 33 -0.38 -4.67 -3.54
CA ARG A 33 -0.18 -6.00 -2.94
C ARG A 33 1.24 -6.54 -3.21
N ASN A 34 1.37 -7.85 -3.28
CA ASN A 34 2.63 -8.55 -3.52
C ASN A 34 2.35 -9.80 -4.33
N GLY A 35 3.29 -10.18 -5.20
CA GLY A 35 3.08 -11.32 -6.07
C GLY A 35 2.32 -10.87 -7.29
N ASP A 36 1.31 -10.06 -7.01
CA ASP A 36 0.47 -9.42 -8.00
C ASP A 36 0.10 -8.02 -7.47
N PRO A 37 1.12 -7.22 -7.03
CA PRO A 37 0.92 -5.87 -6.45
C PRO A 37 0.01 -4.96 -7.25
N THR A 1 -1.52 -5.85 -6.37
CA THR A 1 -2.73 -5.14 -6.64
C THR A 1 -3.14 -4.54 -5.32
N PHE A 2 -4.03 -3.57 -5.35
CA PHE A 2 -4.49 -2.87 -4.16
C PHE A 2 -4.77 -3.85 -3.01
N CYS A 3 -3.86 -3.86 -2.04
CA CYS A 3 -3.94 -4.75 -0.88
C CYS A 3 -5.25 -4.60 -0.11
N GLY A 4 -5.45 -3.42 0.47
CA GLY A 4 -6.64 -3.15 1.24
C GLY A 4 -6.53 -1.81 1.92
N GLU A 5 -5.35 -1.55 2.48
CA GLU A 5 -5.09 -0.29 3.15
C GLU A 5 -4.87 0.81 2.11
N THR A 6 -4.79 2.05 2.57
CA THR A 6 -4.55 3.15 1.67
C THR A 6 -3.50 4.10 2.24
N CYS A 7 -2.38 4.16 1.57
CA CYS A 7 -1.27 5.03 1.96
C CYS A 7 -1.56 6.47 1.48
N ARG A 8 -2.65 7.02 2.01
CA ARG A 8 -3.14 8.35 1.67
C ARG A 8 -2.27 9.47 2.26
N VAL A 9 -2.89 10.33 3.06
CA VAL A 9 -2.19 11.44 3.71
C VAL A 9 -1.57 10.98 5.01
N ILE A 10 -1.30 9.69 5.02
CA ILE A 10 -0.68 8.94 6.11
C ILE A 10 -0.33 7.59 5.53
N PRO A 11 0.67 7.55 4.63
CA PRO A 11 1.06 6.33 3.94
C PRO A 11 1.68 5.25 4.83
N VAL A 12 2.42 4.38 4.18
CA VAL A 12 3.09 3.26 4.81
C VAL A 12 2.07 2.30 5.39
N CYS A 13 1.36 1.64 4.49
CA CYS A 13 0.34 0.67 4.84
C CYS A 13 0.92 -0.36 5.82
N THR A 14 0.54 -0.26 7.08
CA THR A 14 1.07 -1.15 8.11
C THR A 14 0.40 -2.53 8.12
N TYR A 15 -0.90 -2.57 7.85
CA TYR A 15 -1.63 -3.83 7.83
C TYR A 15 -1.23 -4.64 6.62
N SER A 16 -1.14 -3.96 5.50
CA SER A 16 -0.75 -4.59 4.24
C SER A 16 0.76 -4.77 4.16
N ALA A 17 1.48 -4.19 5.12
CA ALA A 17 2.94 -4.29 5.15
C ALA A 17 3.42 -5.72 5.30
N ALA A 18 2.58 -6.59 5.87
CA ALA A 18 2.94 -8.00 6.07
C ALA A 18 3.39 -8.64 4.75
N LEU A 19 2.65 -8.33 3.69
CA LEU A 19 2.97 -8.82 2.35
C LEU A 19 4.09 -8.05 1.70
N GLY A 20 4.49 -6.97 2.31
CA GLY A 20 5.53 -6.14 1.74
C GLY A 20 4.91 -5.27 0.68
N CYS A 21 3.66 -4.88 0.94
CA CYS A 21 2.87 -4.06 0.04
C CYS A 21 3.60 -2.76 -0.30
N THR A 22 3.93 -2.61 -1.58
CA THR A 22 4.59 -1.43 -2.05
C THR A 22 3.57 -0.41 -2.50
N CYS A 23 3.71 0.78 -2.01
CA CYS A 23 2.81 1.87 -2.36
C CYS A 23 3.38 2.65 -3.55
N ASP A 24 3.14 3.95 -3.54
CA ASP A 24 3.63 4.87 -4.56
C ASP A 24 3.81 6.23 -3.90
N ASP A 25 2.72 6.69 -3.29
CA ASP A 25 2.64 7.95 -2.54
C ASP A 25 2.92 9.18 -3.36
N ARG A 26 1.96 10.06 -3.26
CA ARG A 26 1.99 11.34 -3.93
C ARG A 26 1.15 12.25 -3.09
N SER A 27 1.37 12.13 -1.78
CA SER A 27 0.61 12.85 -0.76
C SER A 27 -0.70 12.09 -0.59
N ASP A 28 -0.76 10.98 -1.34
CA ASP A 28 -1.86 10.03 -1.37
C ASP A 28 -1.58 9.03 -2.48
N GLY A 29 -2.13 7.83 -2.38
CA GLY A 29 -1.88 6.82 -3.39
C GLY A 29 -2.71 5.57 -3.20
N LEU A 30 -2.05 4.43 -3.26
CA LEU A 30 -2.73 3.16 -3.12
C LEU A 30 -1.72 2.02 -2.91
N CYS A 31 -1.94 1.23 -1.86
CA CYS A 31 -1.05 0.11 -1.53
C CYS A 31 -1.17 -1.00 -2.57
N LYS A 32 -0.05 -1.63 -2.89
CA LYS A 32 -0.01 -2.70 -3.86
C LYS A 32 0.63 -3.94 -3.24
N ARG A 33 0.04 -5.12 -3.45
CA ARG A 33 0.53 -6.35 -2.83
C ARG A 33 1.77 -6.93 -3.51
N ASN A 34 1.85 -8.27 -3.53
CA ASN A 34 2.98 -9.00 -4.11
C ASN A 34 2.49 -10.33 -4.65
N GLY A 35 3.26 -10.91 -5.57
CA GLY A 35 2.84 -12.17 -6.21
C GLY A 35 1.93 -11.83 -7.37
N ASP A 36 1.02 -10.94 -7.05
CA ASP A 36 0.07 -10.36 -7.97
C ASP A 36 -0.27 -8.96 -7.42
N PRO A 37 0.78 -8.11 -7.25
CA PRO A 37 0.66 -6.75 -6.69
C PRO A 37 -0.52 -5.96 -7.22
N THR A 1 -1.72 -5.71 -6.32
CA THR A 1 -2.94 -5.03 -6.57
C THR A 1 -3.42 -4.56 -5.22
N PHE A 2 -4.25 -3.53 -5.21
CA PHE A 2 -4.77 -2.92 -4.00
C PHE A 2 -5.02 -3.93 -2.87
N CYS A 3 -4.08 -3.99 -1.94
CA CYS A 3 -4.15 -4.91 -0.79
C CYS A 3 -5.40 -4.66 0.04
N GLY A 4 -5.49 -3.46 0.62
CA GLY A 4 -6.63 -3.12 1.46
C GLY A 4 -6.51 -1.73 2.03
N GLU A 5 -5.33 -1.39 2.52
CA GLU A 5 -5.08 -0.07 3.10
C GLU A 5 -4.84 0.96 2.01
N THR A 6 -4.75 2.21 2.42
CA THR A 6 -4.47 3.30 1.51
C THR A 6 -3.56 4.31 2.20
N CYS A 7 -2.39 4.52 1.62
CA CYS A 7 -1.42 5.46 2.18
C CYS A 7 -1.86 6.90 1.88
N ARG A 8 -2.94 7.32 2.56
CA ARG A 8 -3.55 8.63 2.38
C ARG A 8 -2.62 9.77 2.84
N VAL A 9 -2.87 10.29 4.04
CA VAL A 9 -2.08 11.39 4.58
C VAL A 9 -0.87 10.82 5.31
N ILE A 10 -1.11 9.72 6.00
CA ILE A 10 -0.06 9.01 6.70
C ILE A 10 0.12 7.66 6.00
N PRO A 11 1.01 7.62 5.00
CA PRO A 11 1.21 6.42 4.20
C PRO A 11 1.85 5.24 4.92
N VAL A 12 2.50 4.43 4.11
CA VAL A 12 3.18 3.23 4.54
C VAL A 12 2.21 2.22 5.12
N CYS A 13 1.56 1.51 4.21
CA CYS A 13 0.60 0.47 4.56
C CYS A 13 1.23 -0.49 5.57
N THR A 14 0.81 -0.40 6.83
CA THR A 14 1.38 -1.20 7.90
C THR A 14 0.72 -2.58 8.11
N TYR A 15 -0.58 -2.69 7.86
CA TYR A 15 -1.27 -3.97 8.06
C TYR A 15 -0.90 -4.96 6.98
N SER A 16 -0.94 -4.49 5.75
CA SER A 16 -0.61 -5.32 4.60
C SER A 16 0.89 -5.31 4.35
N ALA A 17 1.62 -4.65 5.25
CA ALA A 17 3.07 -4.56 5.17
C ALA A 17 3.74 -5.93 5.26
N ALA A 18 3.05 -6.89 5.88
CA ALA A 18 3.58 -8.26 6.02
C ALA A 18 3.96 -8.81 4.65
N LEU A 19 3.12 -8.54 3.67
CA LEU A 19 3.34 -8.95 2.29
C LEU A 19 4.28 -8.03 1.56
N GLY A 20 4.62 -6.93 2.18
CA GLY A 20 5.48 -5.96 1.55
C GLY A 20 4.66 -5.05 0.65
N CYS A 21 3.41 -4.85 1.05
CA CYS A 21 2.49 -4.03 0.31
C CYS A 21 2.99 -2.59 0.25
N THR A 22 3.50 -2.22 -0.90
CA THR A 22 3.98 -0.87 -1.10
C THR A 22 3.10 -0.16 -2.09
N CYS A 23 2.68 1.03 -1.73
CA CYS A 23 1.83 1.82 -2.58
C CYS A 23 2.65 2.74 -3.47
N ASP A 24 2.13 3.92 -3.73
CA ASP A 24 2.81 4.91 -4.56
C ASP A 24 3.25 6.11 -3.71
N ASP A 25 2.27 6.65 -2.96
CA ASP A 25 2.46 7.81 -2.07
C ASP A 25 2.88 9.06 -2.80
N ARG A 26 1.97 10.01 -2.72
CA ARG A 26 2.10 11.31 -3.33
C ARG A 26 0.98 12.17 -2.79
N SER A 27 0.91 12.20 -1.46
CA SER A 27 -0.14 12.89 -0.71
C SER A 27 -1.34 11.95 -0.65
N ASP A 28 -1.22 10.87 -1.41
CA ASP A 28 -2.22 9.81 -1.48
C ASP A 28 -1.79 8.81 -2.55
N GLY A 29 -2.46 7.66 -2.59
CA GLY A 29 -2.14 6.64 -3.56
C GLY A 29 -3.00 5.41 -3.40
N LEU A 30 -2.37 4.26 -3.43
CA LEU A 30 -3.08 2.99 -3.31
C LEU A 30 -2.09 1.87 -3.04
N CYS A 31 -2.26 1.18 -1.92
CA CYS A 31 -1.36 0.09 -1.52
C CYS A 31 -1.45 -1.08 -2.49
N LYS A 32 -0.30 -1.60 -2.89
CA LYS A 32 -0.24 -2.72 -3.82
C LYS A 32 0.46 -3.92 -3.19
N ARG A 33 -0.05 -5.11 -3.48
CA ARG A 33 0.48 -6.35 -2.91
C ARG A 33 1.77 -6.83 -3.56
N ASN A 34 1.90 -8.16 -3.69
CA ASN A 34 3.08 -8.80 -4.30
C ASN A 34 2.66 -10.13 -4.91
N GLY A 35 3.35 -10.55 -5.96
CA GLY A 35 2.97 -11.76 -6.67
C GLY A 35 1.84 -11.44 -7.61
N ASP A 36 0.95 -10.63 -7.08
CA ASP A 36 -0.21 -10.08 -7.76
C ASP A 36 -0.44 -8.70 -7.13
N PRO A 37 0.58 -7.81 -7.20
CA PRO A 37 0.51 -6.46 -6.59
C PRO A 37 -0.65 -5.64 -7.09
N THR A 1 -1.79 -6.18 -6.26
CA THR A 1 -3.04 -5.53 -6.49
C THR A 1 -3.37 -4.84 -5.17
N PHE A 2 -4.30 -3.91 -5.19
CA PHE A 2 -4.69 -3.18 -4.00
C PHE A 2 -4.90 -4.12 -2.81
N CYS A 3 -3.93 -4.11 -1.90
CA CYS A 3 -3.94 -4.97 -0.71
C CYS A 3 -5.23 -4.79 0.10
N GLY A 4 -5.39 -3.60 0.68
CA GLY A 4 -6.59 -3.33 1.48
C GLY A 4 -6.37 -2.23 2.50
N GLU A 5 -5.69 -1.15 2.09
CA GLU A 5 -5.41 -0.01 2.95
C GLU A 5 -5.26 1.22 2.10
N THR A 6 -5.47 2.39 2.67
CA THR A 6 -5.33 3.61 1.92
C THR A 6 -4.19 4.45 2.47
N CYS A 7 -3.11 4.49 1.73
CA CYS A 7 -1.92 5.26 2.09
C CYS A 7 -2.09 6.71 1.63
N ARG A 8 -3.16 7.35 2.10
CA ARG A 8 -3.49 8.74 1.74
C ARG A 8 -2.62 9.76 2.46
N VAL A 9 -3.09 10.22 3.62
CA VAL A 9 -2.37 11.23 4.39
C VAL A 9 -1.36 10.52 5.30
N ILE A 10 -1.74 9.33 5.70
CA ILE A 10 -0.90 8.47 6.52
C ILE A 10 -0.65 7.21 5.72
N PRO A 11 0.33 7.26 4.80
CA PRO A 11 0.64 6.15 3.91
C PRO A 11 1.26 4.95 4.59
N VAL A 12 2.20 4.33 3.87
CA VAL A 12 2.91 3.14 4.30
C VAL A 12 2.03 2.10 4.97
N CYS A 13 1.27 1.42 4.13
CA CYS A 13 0.35 0.36 4.54
C CYS A 13 1.05 -0.60 5.50
N THR A 14 0.76 -0.44 6.79
CA THR A 14 1.40 -1.23 7.83
C THR A 14 0.81 -2.64 8.00
N TYR A 15 -0.46 -2.82 7.67
CA TYR A 15 -1.08 -4.14 7.82
C TYR A 15 -0.58 -5.09 6.74
N SER A 16 -0.65 -4.62 5.51
CA SER A 16 -0.22 -5.38 4.36
C SER A 16 1.28 -5.24 4.13
N ALA A 17 1.95 -4.59 5.08
CA ALA A 17 3.39 -4.39 5.00
C ALA A 17 4.15 -5.71 5.04
N ALA A 18 3.55 -6.72 5.67
CA ALA A 18 4.17 -8.05 5.76
C ALA A 18 4.55 -8.58 4.39
N LEU A 19 3.64 -8.40 3.44
CA LEU A 19 3.87 -8.81 2.05
C LEU A 19 4.79 -7.87 1.32
N GLY A 20 5.03 -6.72 1.91
CA GLY A 20 5.86 -5.73 1.28
C GLY A 20 5.03 -4.90 0.33
N CYS A 21 3.78 -4.70 0.72
CA CYS A 21 2.83 -3.92 -0.07
C CYS A 21 3.37 -2.52 -0.34
N THR A 22 3.72 -2.27 -1.59
CA THR A 22 4.24 -1.00 -1.98
C THR A 22 3.14 -0.09 -2.47
N CYS A 23 3.11 1.09 -1.94
CA CYS A 23 2.12 2.09 -2.30
C CYS A 23 2.67 2.97 -3.43
N ASP A 24 2.40 4.25 -3.34
CA ASP A 24 2.86 5.23 -4.30
C ASP A 24 3.35 6.45 -3.52
N ASP A 25 2.47 6.96 -2.67
CA ASP A 25 2.73 8.11 -1.79
C ASP A 25 3.21 9.33 -2.51
N ARG A 26 2.29 10.25 -2.60
CA ARG A 26 2.46 11.53 -3.24
C ARG A 26 1.28 12.38 -2.86
N SER A 27 1.07 12.47 -1.55
CA SER A 27 -0.07 13.17 -0.96
C SER A 27 -1.25 12.22 -0.98
N ASP A 28 -1.01 11.07 -1.61
CA ASP A 28 -1.97 10.00 -1.74
C ASP A 28 -1.34 8.86 -2.53
N GLY A 29 -2.11 7.83 -2.82
CA GLY A 29 -1.61 6.69 -3.57
C GLY A 29 -2.56 5.54 -3.56
N LEU A 30 -2.02 4.35 -3.34
CA LEU A 30 -2.81 3.13 -3.32
C LEU A 30 -1.89 1.94 -3.04
N CYS A 31 -2.18 1.20 -1.96
CA CYS A 31 -1.38 0.04 -1.56
C CYS A 31 -1.42 -1.07 -2.62
N LYS A 32 -0.27 -1.64 -2.92
CA LYS A 32 -0.18 -2.71 -3.89
C LYS A 32 0.54 -3.92 -3.31
N ARG A 33 -0.03 -5.09 -3.54
CA ARG A 33 0.46 -6.35 -3.00
C ARG A 33 1.68 -6.89 -3.76
N ASN A 34 1.96 -8.17 -3.57
CA ASN A 34 3.06 -8.87 -4.23
C ASN A 34 2.63 -10.31 -4.46
N GLY A 35 3.21 -10.97 -5.47
CA GLY A 35 2.78 -12.32 -5.81
C GLY A 35 1.54 -12.21 -6.68
N ASP A 36 0.68 -11.32 -6.22
CA ASP A 36 -0.54 -10.90 -6.87
C ASP A 36 -0.69 -9.42 -6.55
N PRO A 37 0.31 -8.59 -6.97
CA PRO A 37 0.34 -7.14 -6.68
C PRO A 37 -0.89 -6.41 -7.19
N THR A 1 -1.59 -5.61 -6.45
CA THR A 1 -2.79 -4.87 -6.68
C THR A 1 -3.13 -4.26 -5.35
N PHE A 2 -4.18 -3.49 -5.29
CA PHE A 2 -4.59 -2.83 -4.06
C PHE A 2 -4.69 -3.84 -2.91
N CYS A 3 -3.72 -3.76 -2.00
CA CYS A 3 -3.63 -4.65 -0.85
C CYS A 3 -4.92 -4.66 -0.03
N GLY A 4 -5.18 -3.57 0.66
CA GLY A 4 -6.37 -3.46 1.50
C GLY A 4 -6.39 -2.13 2.20
N GLU A 5 -5.24 -1.76 2.76
CA GLU A 5 -5.09 -0.50 3.46
C GLU A 5 -4.98 0.64 2.44
N THR A 6 -5.04 1.87 2.90
CA THR A 6 -4.91 3.00 2.01
C THR A 6 -3.88 4.00 2.52
N CYS A 7 -2.77 4.07 1.80
CA CYS A 7 -1.68 4.98 2.13
C CYS A 7 -1.97 6.38 1.56
N ARG A 8 -3.06 7.00 2.01
CA ARG A 8 -3.46 8.32 1.51
C ARG A 8 -2.76 9.42 2.29
N VAL A 9 -3.38 9.85 3.37
CA VAL A 9 -2.82 10.91 4.17
C VAL A 9 -1.86 10.36 5.21
N ILE A 10 -2.06 9.10 5.53
CA ILE A 10 -1.23 8.38 6.47
C ILE A 10 -0.77 7.09 5.81
N PRO A 11 0.17 7.19 4.86
CA PRO A 11 0.64 6.04 4.10
C PRO A 11 1.40 5.01 4.91
N VAL A 12 2.21 4.26 4.18
CA VAL A 12 3.02 3.19 4.75
C VAL A 12 2.13 2.11 5.32
N CYS A 13 1.50 1.39 4.41
CA CYS A 13 0.59 0.31 4.76
C CYS A 13 1.25 -0.67 5.75
N THR A 14 0.84 -0.59 7.01
CA THR A 14 1.42 -1.43 8.07
C THR A 14 0.85 -2.85 8.08
N TYR A 15 -0.45 -2.97 7.84
CA TYR A 15 -1.12 -4.27 7.84
C TYR A 15 -0.74 -5.04 6.59
N SER A 16 -0.74 -4.35 5.47
CA SER A 16 -0.40 -4.92 4.19
C SER A 16 1.12 -5.10 4.06
N ALA A 17 1.84 -4.53 5.02
CA ALA A 17 3.30 -4.60 5.04
C ALA A 17 3.79 -6.05 5.11
N ALA A 18 2.94 -6.96 5.57
CA ALA A 18 3.29 -8.39 5.65
C ALA A 18 3.75 -8.89 4.29
N LEU A 19 3.03 -8.47 3.26
CA LEU A 19 3.35 -8.80 1.88
C LEU A 19 4.46 -7.92 1.33
N GLY A 20 4.70 -6.84 2.02
CA GLY A 20 5.68 -5.87 1.59
C GLY A 20 4.94 -4.66 1.09
N CYS A 21 3.92 -4.95 0.27
CA CYS A 21 3.02 -3.96 -0.31
C CYS A 21 3.69 -2.64 -0.62
N THR A 22 4.09 -2.48 -1.88
CA THR A 22 4.69 -1.25 -2.29
C THR A 22 3.61 -0.31 -2.78
N CYS A 23 3.48 0.75 -2.06
CA CYS A 23 2.51 1.77 -2.35
C CYS A 23 3.16 2.84 -3.23
N ASP A 24 2.38 3.73 -3.79
CA ASP A 24 2.93 4.80 -4.62
C ASP A 24 3.28 6.00 -3.74
N ASP A 25 2.24 6.53 -3.09
CA ASP A 25 2.35 7.68 -2.15
C ASP A 25 3.04 8.88 -2.75
N ARG A 26 2.25 9.90 -2.89
CA ARG A 26 2.69 11.17 -3.40
C ARG A 26 1.99 12.22 -2.57
N SER A 27 2.02 11.97 -1.26
CA SER A 27 1.31 12.76 -0.27
C SER A 27 -0.12 12.26 -0.30
N ASP A 28 -0.23 11.12 -1.01
CA ASP A 28 -1.47 10.38 -1.24
C ASP A 28 -1.20 9.31 -2.28
N GLY A 29 -1.67 8.09 -2.04
CA GLY A 29 -1.44 7.02 -2.98
C GLY A 29 -2.36 5.84 -2.80
N LEU A 30 -1.81 4.64 -2.92
CA LEU A 30 -2.59 3.42 -2.80
C LEU A 30 -1.65 2.21 -2.69
N CYS A 31 -1.92 1.35 -1.70
CA CYS A 31 -1.09 0.17 -1.43
C CYS A 31 -1.18 -0.86 -2.54
N LYS A 32 -0.04 -1.43 -2.92
CA LYS A 32 -0.01 -2.44 -3.95
C LYS A 32 0.73 -3.66 -3.42
N ARG A 33 0.19 -4.86 -3.66
CA ARG A 33 0.76 -6.10 -3.11
C ARG A 33 2.00 -6.61 -3.84
N ASN A 34 2.19 -7.92 -3.73
CA ASN A 34 3.30 -8.66 -4.33
C ASN A 34 2.80 -10.06 -4.64
N GLY A 35 3.22 -10.65 -5.75
CA GLY A 35 2.70 -11.94 -6.14
C GLY A 35 1.43 -11.71 -6.94
N ASP A 36 0.63 -10.81 -6.39
CA ASP A 36 -0.60 -10.33 -6.98
C ASP A 36 -0.67 -8.81 -6.75
N PRO A 37 0.43 -8.05 -7.05
CA PRO A 37 0.52 -6.60 -6.82
C PRO A 37 -0.64 -5.80 -7.35
N THR A 1 -1.71 -5.89 -6.33
CA THR A 1 -2.97 -5.24 -6.54
C THR A 1 -3.36 -4.61 -5.23
N PHE A 2 -4.37 -3.77 -5.26
CA PHE A 2 -4.83 -3.08 -4.07
C PHE A 2 -5.08 -4.05 -2.91
N CYS A 3 -4.12 -4.13 -1.99
CA CYS A 3 -4.21 -5.01 -0.83
C CYS A 3 -5.45 -4.69 -0.01
N GLY A 4 -5.46 -3.49 0.57
CA GLY A 4 -6.58 -3.05 1.39
C GLY A 4 -6.19 -1.88 2.27
N GLU A 5 -5.48 -0.91 1.69
CA GLU A 5 -5.03 0.27 2.40
C GLU A 5 -4.73 1.38 1.42
N THR A 6 -4.69 2.60 1.93
CA THR A 6 -4.38 3.77 1.14
C THR A 6 -3.40 4.65 1.89
N CYS A 7 -2.24 4.87 1.30
CA CYS A 7 -1.21 5.70 1.92
C CYS A 7 -1.54 7.18 1.72
N ARG A 8 -2.58 7.61 2.44
CA ARG A 8 -3.10 8.98 2.39
C ARG A 8 -2.16 10.01 3.04
N VAL A 9 -2.69 10.74 4.01
CA VAL A 9 -1.92 11.77 4.72
C VAL A 9 -1.17 11.14 5.90
N ILE A 10 -1.04 9.84 5.80
CA ILE A 10 -0.35 8.98 6.75
C ILE A 10 -0.09 7.67 6.04
N PRO A 11 0.81 7.70 5.04
CA PRO A 11 1.11 6.53 4.21
C PRO A 11 1.75 5.36 4.92
N VAL A 12 2.49 4.60 4.12
CA VAL A 12 3.19 3.42 4.54
C VAL A 12 2.21 2.39 5.07
N CYS A 13 1.58 1.70 4.14
CA CYS A 13 0.59 0.66 4.44
C CYS A 13 1.14 -0.29 5.50
N THR A 14 0.67 -0.15 6.73
CA THR A 14 1.16 -0.95 7.84
C THR A 14 0.39 -2.28 8.04
N TYR A 15 -0.85 -2.35 7.61
CA TYR A 15 -1.64 -3.57 7.78
C TYR A 15 -1.20 -4.62 6.76
N SER A 16 -1.12 -4.21 5.52
CA SER A 16 -0.71 -5.08 4.44
C SER A 16 0.80 -5.08 4.28
N ALA A 17 1.49 -4.45 5.23
CA ALA A 17 2.94 -4.36 5.22
C ALA A 17 3.61 -5.72 5.26
N ALA A 18 2.95 -6.69 5.90
CA ALA A 18 3.49 -8.05 6.02
C ALA A 18 3.87 -8.62 4.65
N LEU A 19 2.99 -8.40 3.67
CA LEU A 19 3.23 -8.84 2.30
C LEU A 19 4.21 -7.98 1.56
N GLY A 20 4.60 -6.88 2.15
CA GLY A 20 5.49 -5.96 1.50
C GLY A 20 4.73 -5.09 0.55
N CYS A 21 3.48 -4.86 0.90
CA CYS A 21 2.57 -4.04 0.12
C CYS A 21 3.11 -2.62 -0.01
N THR A 22 3.44 -2.23 -1.22
CA THR A 22 3.94 -0.90 -1.46
C THR A 22 3.02 -0.17 -2.42
N CYS A 23 2.63 1.01 -2.02
CA CYS A 23 1.76 1.84 -2.81
C CYS A 23 2.57 2.80 -3.68
N ASP A 24 2.14 4.05 -3.70
CA ASP A 24 2.83 5.10 -4.44
C ASP A 24 3.35 6.18 -3.48
N ASP A 25 2.40 6.83 -2.80
CA ASP A 25 2.67 7.91 -1.83
C ASP A 25 3.34 9.09 -2.49
N ARG A 26 2.55 10.14 -2.55
CA ARG A 26 2.93 11.42 -3.14
C ARG A 26 1.80 12.38 -2.95
N SER A 27 0.64 11.86 -3.21
CA SER A 27 -0.57 12.59 -3.10
C SER A 27 -1.64 11.52 -2.96
N ASP A 28 -1.31 10.59 -2.07
CA ASP A 28 -2.10 9.41 -1.78
C ASP A 28 -1.85 8.41 -2.89
N GLY A 29 -2.76 7.49 -3.11
CA GLY A 29 -2.58 6.50 -4.15
C GLY A 29 -3.37 5.26 -3.88
N LEU A 30 -2.66 4.16 -3.72
CA LEU A 30 -3.29 2.88 -3.48
C LEU A 30 -2.24 1.81 -3.19
N CYS A 31 -2.35 1.14 -2.05
CA CYS A 31 -1.38 0.11 -1.67
C CYS A 31 -1.50 -1.12 -2.56
N LYS A 32 -0.36 -1.61 -3.03
CA LYS A 32 -0.32 -2.77 -3.90
C LYS A 32 0.40 -3.94 -3.26
N ARG A 33 -0.12 -5.15 -3.53
CA ARG A 33 0.40 -6.40 -2.94
C ARG A 33 1.69 -6.90 -3.60
N ASN A 34 1.79 -8.23 -3.75
CA ASN A 34 2.96 -8.88 -4.34
C ASN A 34 2.57 -10.20 -4.99
N GLY A 35 3.36 -10.63 -5.97
CA GLY A 35 3.04 -11.84 -6.72
C GLY A 35 2.10 -11.48 -7.84
N ASP A 36 1.13 -10.69 -7.44
CA ASP A 36 0.11 -10.12 -8.28
C ASP A 36 -0.28 -8.79 -7.62
N PRO A 37 0.72 -7.89 -7.41
CA PRO A 37 0.52 -6.59 -6.72
C PRO A 37 -0.69 -5.82 -7.18
N THR A 1 -1.57 -6.11 -6.38
CA THR A 1 -2.73 -5.36 -6.71
C THR A 1 -3.15 -4.68 -5.42
N PHE A 2 -4.15 -3.84 -5.49
CA PHE A 2 -4.62 -3.11 -4.32
C PHE A 2 -4.83 -4.03 -3.11
N CYS A 3 -3.91 -3.95 -2.15
CA CYS A 3 -3.94 -4.76 -0.94
C CYS A 3 -5.22 -4.53 -0.14
N GLY A 4 -5.41 -3.28 0.29
CA GLY A 4 -6.58 -2.94 1.08
C GLY A 4 -6.44 -1.57 1.70
N GLU A 5 -5.22 -1.28 2.16
CA GLU A 5 -4.92 0.01 2.78
C GLU A 5 -4.77 1.13 1.76
N THR A 6 -4.59 2.33 2.27
CA THR A 6 -4.38 3.52 1.47
C THR A 6 -3.35 4.42 2.15
N CYS A 7 -2.23 4.68 1.47
CA CYS A 7 -1.19 5.54 2.04
C CYS A 7 -1.54 7.00 1.78
N ARG A 8 -2.72 7.39 2.26
CA ARG A 8 -3.28 8.72 2.07
C ARG A 8 -2.42 9.86 2.58
N VAL A 9 -2.59 10.22 3.84
CA VAL A 9 -1.85 11.34 4.37
C VAL A 9 -0.51 10.89 4.93
N ILE A 10 -0.52 9.74 5.58
CA ILE A 10 0.68 9.15 6.13
C ILE A 10 0.81 7.76 5.53
N PRO A 11 1.62 7.66 4.46
CA PRO A 11 1.77 6.41 3.73
C PRO A 11 2.38 5.25 4.48
N VAL A 12 2.85 4.31 3.67
CA VAL A 12 3.46 3.09 4.11
C VAL A 12 2.45 2.16 4.75
N CYS A 13 1.72 1.49 3.90
CA CYS A 13 0.69 0.53 4.31
C CYS A 13 1.26 -0.47 5.32
N THR A 14 0.94 -0.28 6.59
CA THR A 14 1.45 -1.12 7.67
C THR A 14 0.68 -2.43 7.87
N TYR A 15 -0.60 -2.46 7.53
CA TYR A 15 -1.42 -3.66 7.68
C TYR A 15 -1.00 -4.70 6.67
N SER A 16 -0.90 -4.26 5.43
CA SER A 16 -0.51 -5.12 4.34
C SER A 16 1.01 -5.12 4.16
N ALA A 17 1.70 -4.54 5.15
CA ALA A 17 3.15 -4.46 5.12
C ALA A 17 3.79 -5.84 5.18
N ALA A 18 3.07 -6.81 5.74
CA ALA A 18 3.56 -8.18 5.85
C ALA A 18 3.97 -8.70 4.48
N LEU A 19 3.14 -8.40 3.49
CA LEU A 19 3.40 -8.78 2.11
C LEU A 19 4.44 -7.90 1.46
N GLY A 20 4.76 -6.81 2.10
CA GLY A 20 5.69 -5.87 1.54
C GLY A 20 4.96 -4.98 0.56
N CYS A 21 3.68 -4.77 0.87
CA CYS A 21 2.80 -3.96 0.06
C CYS A 21 3.32 -2.55 -0.11
N THR A 22 3.70 -2.23 -1.33
CA THR A 22 4.17 -0.92 -1.64
C THR A 22 3.06 -0.21 -2.39
N CYS A 23 2.72 0.96 -1.93
CA CYS A 23 1.64 1.70 -2.55
C CYS A 23 2.17 2.62 -3.62
N ASP A 24 1.33 3.55 -4.04
CA ASP A 24 1.70 4.50 -5.06
C ASP A 24 2.34 5.73 -4.41
N ASP A 25 1.70 6.23 -3.33
CA ASP A 25 2.17 7.40 -2.57
C ASP A 25 2.11 8.67 -3.36
N ARG A 26 1.64 9.69 -2.63
CA ARG A 26 1.43 11.01 -3.16
C ARG A 26 0.06 11.06 -3.77
N SER A 27 -0.79 11.90 -3.18
CA SER A 27 -2.16 11.99 -3.60
C SER A 27 -2.83 10.65 -3.26
N ASP A 28 -2.25 10.03 -2.22
CA ASP A 28 -2.67 8.73 -1.69
C ASP A 28 -2.28 7.59 -2.63
N GLY A 29 -2.87 7.56 -3.80
CA GLY A 29 -2.60 6.50 -4.73
C GLY A 29 -3.36 5.26 -4.34
N LEU A 30 -2.63 4.20 -4.03
CA LEU A 30 -3.25 2.95 -3.64
C LEU A 30 -2.18 1.87 -3.34
N CYS A 31 -2.35 1.13 -2.24
CA CYS A 31 -1.38 0.08 -1.85
C CYS A 31 -1.40 -1.11 -2.82
N LYS A 32 -0.21 -1.60 -3.19
CA LYS A 32 -0.11 -2.74 -4.10
C LYS A 32 0.60 -3.91 -3.42
N ARG A 33 0.09 -5.12 -3.65
CA ARG A 33 0.60 -6.35 -3.04
C ARG A 33 1.88 -6.88 -3.70
N ASN A 34 2.08 -8.19 -3.55
CA ASN A 34 3.23 -8.91 -4.11
C ASN A 34 2.80 -10.34 -4.37
N GLY A 35 3.38 -10.99 -5.37
CA GLY A 35 2.96 -12.34 -5.75
C GLY A 35 1.73 -12.23 -6.62
N ASP A 36 0.87 -11.32 -6.17
CA ASP A 36 -0.35 -10.92 -6.83
C ASP A 36 -0.52 -9.42 -6.54
N PRO A 37 0.51 -8.61 -6.92
CA PRO A 37 0.55 -7.16 -6.65
C PRO A 37 -0.61 -6.38 -7.24
N THR A 1 -2.07 -5.93 -6.32
CA THR A 1 -3.31 -5.26 -6.49
C THR A 1 -3.62 -4.66 -5.13
N PHE A 2 -4.61 -3.81 -5.07
CA PHE A 2 -4.98 -3.15 -3.82
C PHE A 2 -5.20 -4.15 -2.69
N CYS A 3 -4.19 -4.30 -1.82
CA CYS A 3 -4.25 -5.22 -0.69
C CYS A 3 -5.46 -4.93 0.20
N GLY A 4 -5.44 -3.77 0.84
CA GLY A 4 -6.53 -3.38 1.72
C GLY A 4 -6.17 -2.22 2.62
N GLU A 5 -5.46 -1.23 2.06
CA GLU A 5 -5.04 -0.05 2.80
C GLU A 5 -4.87 1.10 1.83
N THR A 6 -4.87 2.32 2.35
CA THR A 6 -4.68 3.48 1.51
C THR A 6 -3.61 4.39 2.10
N CYS A 7 -2.50 4.51 1.39
CA CYS A 7 -1.41 5.37 1.82
C CYS A 7 -1.72 6.80 1.41
N ARG A 8 -2.75 7.35 2.03
CA ARG A 8 -3.23 8.71 1.72
C ARG A 8 -2.34 9.79 2.33
N VAL A 9 -2.81 10.42 3.41
CA VAL A 9 -2.07 11.48 4.05
C VAL A 9 -1.07 10.89 5.04
N ILE A 10 -1.37 9.67 5.44
CA ILE A 10 -0.53 8.91 6.35
C ILE A 10 -0.27 7.57 5.68
N PRO A 11 0.63 7.55 4.69
CA PRO A 11 0.92 6.35 3.90
C PRO A 11 1.61 5.23 4.65
N VAL A 12 2.33 4.45 3.84
CA VAL A 12 3.08 3.30 4.30
C VAL A 12 2.16 2.22 4.85
N CYS A 13 1.60 1.47 3.94
CA CYS A 13 0.70 0.35 4.28
C CYS A 13 1.38 -0.57 5.29
N THR A 14 0.94 -0.49 6.54
CA THR A 14 1.55 -1.26 7.62
C THR A 14 0.83 -2.59 7.92
N TYR A 15 -0.45 -2.70 7.57
CA TYR A 15 -1.20 -3.92 7.84
C TYR A 15 -0.77 -5.03 6.90
N SER A 16 -0.77 -4.70 5.63
CA SER A 16 -0.38 -5.63 4.58
C SER A 16 1.11 -5.52 4.30
N ALA A 17 1.82 -4.85 5.21
CA ALA A 17 3.26 -4.67 5.09
C ALA A 17 4.01 -5.99 5.13
N ALA A 18 3.41 -7.00 5.79
CA ALA A 18 4.02 -8.33 5.89
C ALA A 18 4.31 -8.88 4.50
N LEU A 19 3.38 -8.66 3.59
CA LEU A 19 3.51 -9.09 2.20
C LEU A 19 4.43 -8.19 1.42
N GLY A 20 4.77 -7.06 2.00
CA GLY A 20 5.60 -6.10 1.32
C GLY A 20 4.76 -5.25 0.41
N CYS A 21 3.50 -5.07 0.82
CA CYS A 21 2.55 -4.27 0.08
C CYS A 21 3.03 -2.84 -0.05
N THR A 22 3.49 -2.49 -1.24
CA THR A 22 3.96 -1.15 -1.49
C THR A 22 3.06 -0.46 -2.48
N CYS A 23 2.61 0.70 -2.11
CA CYS A 23 1.74 1.48 -2.94
C CYS A 23 2.54 2.43 -3.82
N ASP A 24 2.02 3.63 -3.98
CA ASP A 24 2.67 4.66 -4.78
C ASP A 24 3.15 5.80 -3.87
N ASP A 25 2.20 6.41 -3.16
CA ASP A 25 2.47 7.53 -2.24
C ASP A 25 3.07 8.69 -2.97
N ARG A 26 2.17 9.59 -3.32
CA ARG A 26 2.45 10.82 -4.02
C ARG A 26 1.15 11.53 -4.28
N SER A 27 0.80 12.41 -3.34
CA SER A 27 -0.45 13.14 -3.42
C SER A 27 -1.59 12.14 -3.30
N ASP A 28 -1.39 11.20 -2.40
CA ASP A 28 -2.32 10.13 -2.09
C ASP A 28 -2.38 9.07 -3.20
N GLY A 29 -2.36 7.81 -2.80
CA GLY A 29 -2.41 6.73 -3.77
C GLY A 29 -3.20 5.53 -3.29
N LEU A 30 -2.68 4.34 -3.57
CA LEU A 30 -3.35 3.10 -3.21
C LEU A 30 -2.35 1.95 -3.10
N CYS A 31 -2.41 1.20 -1.99
CA CYS A 31 -1.49 0.08 -1.73
C CYS A 31 -1.62 -1.06 -2.73
N LYS A 32 -0.49 -1.72 -3.00
CA LYS A 32 -0.46 -2.85 -3.94
C LYS A 32 0.26 -4.05 -3.30
N ARG A 33 -0.24 -5.24 -3.61
CA ARG A 33 0.28 -6.49 -3.02
C ARG A 33 1.57 -6.97 -3.69
N ASN A 34 1.68 -8.29 -3.87
CA ASN A 34 2.85 -8.93 -4.48
C ASN A 34 2.45 -10.25 -5.10
N GLY A 35 3.12 -10.64 -6.17
CA GLY A 35 2.76 -11.86 -6.89
C GLY A 35 1.65 -11.52 -7.87
N ASP A 36 0.72 -10.75 -7.34
CA ASP A 36 -0.42 -10.21 -8.04
C ASP A 36 -0.72 -8.83 -7.44
N PRO A 37 0.31 -7.94 -7.33
CA PRO A 37 0.18 -6.61 -6.72
C PRO A 37 -1.04 -5.81 -7.15
N THR A 1 -1.39 -6.23 -6.50
CA THR A 1 -2.52 -5.49 -6.93
C THR A 1 -2.99 -4.73 -5.71
N PHE A 2 -3.95 -3.86 -5.88
CA PHE A 2 -4.46 -3.06 -4.77
C PHE A 2 -4.78 -3.91 -3.54
N CYS A 3 -3.91 -3.81 -2.53
CA CYS A 3 -4.05 -4.57 -1.29
C CYS A 3 -5.37 -4.27 -0.59
N GLY A 4 -5.55 -3.02 -0.21
CA GLY A 4 -6.76 -2.60 0.47
C GLY A 4 -6.57 -1.25 1.12
N GLU A 5 -5.43 -1.08 1.76
CA GLU A 5 -5.09 0.17 2.42
C GLU A 5 -4.73 1.25 1.41
N THR A 6 -4.52 2.46 1.90
CA THR A 6 -4.13 3.58 1.07
C THR A 6 -3.08 4.41 1.80
N CYS A 7 -2.05 4.84 1.10
CA CYS A 7 -1.00 5.63 1.72
C CYS A 7 -1.37 7.12 1.69
N ARG A 8 -2.42 7.48 2.44
CA ARG A 8 -2.92 8.86 2.51
C ARG A 8 -1.95 9.83 3.18
N VAL A 9 -2.45 10.56 4.18
CA VAL A 9 -1.62 11.53 4.92
C VAL A 9 -0.94 10.81 6.07
N ILE A 10 -0.65 9.55 5.79
CA ILE A 10 0.01 8.60 6.67
C ILE A 10 0.26 7.36 5.83
N PRO A 11 1.16 7.47 4.83
CA PRO A 11 1.44 6.37 3.90
C PRO A 11 2.04 5.13 4.53
N VAL A 12 2.70 4.37 3.68
CA VAL A 12 3.35 3.13 4.04
C VAL A 12 2.32 2.19 4.66
N CYS A 13 1.46 1.67 3.79
CA CYS A 13 0.38 0.76 4.15
C CYS A 13 0.84 -0.26 5.21
N THR A 14 0.48 -0.02 6.45
CA THR A 14 0.91 -0.88 7.56
C THR A 14 0.12 -2.18 7.68
N TYR A 15 -1.17 -2.15 7.36
CA TYR A 15 -2.00 -3.35 7.45
C TYR A 15 -1.56 -4.35 6.41
N SER A 16 -1.35 -3.85 5.21
CA SER A 16 -0.91 -4.67 4.10
C SER A 16 0.62 -4.72 4.02
N ALA A 17 1.27 -4.19 5.05
CA ALA A 17 2.73 -4.18 5.10
C ALA A 17 3.29 -5.57 5.33
N ALA A 18 2.48 -6.49 5.85
CA ALA A 18 2.90 -7.87 6.11
C ALA A 18 3.47 -8.48 4.83
N LEU A 19 2.79 -8.22 3.74
CA LEU A 19 3.19 -8.67 2.41
C LEU A 19 4.33 -7.84 1.87
N GLY A 20 4.39 -6.60 2.31
CA GLY A 20 5.39 -5.68 1.83
C GLY A 20 4.79 -4.85 0.73
N CYS A 21 3.50 -4.57 0.90
CA CYS A 21 2.71 -3.81 -0.05
C CYS A 21 3.35 -2.46 -0.36
N THR A 22 3.75 -2.30 -1.61
CA THR A 22 4.33 -1.05 -2.05
C THR A 22 3.23 -0.16 -2.57
N CYS A 23 3.16 1.02 -2.04
CA CYS A 23 2.13 1.97 -2.43
C CYS A 23 2.62 2.89 -3.55
N ASP A 24 2.22 4.16 -3.46
CA ASP A 24 2.58 5.17 -4.44
C ASP A 24 2.98 6.46 -3.73
N ASP A 25 2.06 6.93 -2.88
CA ASP A 25 2.22 8.15 -2.05
C ASP A 25 2.36 9.42 -2.86
N ARG A 26 1.39 10.27 -2.61
CA ARG A 26 1.21 11.58 -3.21
C ARG A 26 -0.02 12.20 -2.60
N SER A 27 -0.01 12.28 -1.27
CA SER A 27 -1.14 12.76 -0.46
C SER A 27 -2.05 11.58 -0.18
N ASP A 28 -1.84 10.56 -0.99
CA ASP A 28 -2.53 9.29 -0.94
C ASP A 28 -2.02 8.46 -2.11
N GLY A 29 -2.71 7.41 -2.48
CA GLY A 29 -2.24 6.62 -3.60
C GLY A 29 -3.06 5.37 -3.81
N LEU A 30 -2.38 4.24 -3.81
CA LEU A 30 -3.01 2.97 -4.05
C LEU A 30 -2.02 1.85 -3.73
N CYS A 31 -2.16 1.24 -2.56
CA CYS A 31 -1.27 0.18 -2.11
C CYS A 31 -1.30 -1.02 -3.05
N LYS A 32 -0.13 -1.59 -3.31
CA LYS A 32 -0.01 -2.73 -4.20
C LYS A 32 0.62 -3.91 -3.47
N ARG A 33 0.07 -5.10 -3.69
CA ARG A 33 0.50 -6.33 -3.00
C ARG A 33 1.79 -6.91 -3.55
N ASN A 34 2.00 -8.19 -3.24
CA ASN A 34 3.18 -8.95 -3.65
C ASN A 34 2.72 -10.39 -3.90
N GLY A 35 3.38 -11.08 -4.83
CA GLY A 35 2.96 -12.44 -5.17
C GLY A 35 1.80 -12.36 -6.14
N ASP A 36 0.91 -11.45 -5.79
CA ASP A 36 -0.27 -11.08 -6.55
C ASP A 36 -0.40 -9.56 -6.39
N PRO A 37 0.66 -8.81 -6.75
CA PRO A 37 0.72 -7.34 -6.57
C PRO A 37 -0.37 -6.57 -7.29
N THR A 1 -1.31 -5.31 -6.46
CA THR A 1 -2.42 -4.49 -6.79
C THR A 1 -2.89 -3.92 -5.49
N PHE A 2 -3.89 -3.09 -5.53
CA PHE A 2 -4.39 -2.47 -4.34
C PHE A 2 -4.67 -3.49 -3.24
N CYS A 3 -3.88 -3.39 -2.17
CA CYS A 3 -4.00 -4.26 -1.00
C CYS A 3 -5.32 -3.98 -0.26
N GLY A 4 -5.30 -4.01 1.06
CA GLY A 4 -6.50 -3.75 1.83
C GLY A 4 -6.55 -2.31 2.31
N GLU A 5 -5.40 -1.81 2.73
CA GLU A 5 -5.29 -0.45 3.23
C GLU A 5 -4.94 0.54 2.12
N THR A 6 -5.21 1.80 2.39
CA THR A 6 -4.91 2.87 1.46
C THR A 6 -3.98 3.89 2.11
N CYS A 7 -2.83 4.10 1.51
CA CYS A 7 -1.83 5.02 2.01
C CYS A 7 -2.16 6.47 1.59
N ARG A 8 -2.74 7.24 2.51
CA ARG A 8 -3.13 8.64 2.25
C ARG A 8 -1.98 9.56 2.63
N VAL A 9 -2.27 10.61 3.41
CA VAL A 9 -1.23 11.52 3.85
C VAL A 9 -0.60 10.98 5.14
N ILE A 10 -0.65 9.67 5.20
CA ILE A 10 -0.12 8.84 6.26
C ILE A 10 -0.01 7.46 5.63
N PRO A 11 0.91 7.32 4.66
CA PRO A 11 1.07 6.08 3.91
C PRO A 11 1.66 4.93 4.68
N VAL A 12 2.26 4.03 3.90
CA VAL A 12 2.88 2.82 4.41
C VAL A 12 1.90 1.98 5.18
N CYS A 13 0.98 1.38 4.45
CA CYS A 13 -0.04 0.53 5.04
C CYS A 13 0.64 -0.53 5.92
N THR A 14 0.35 -0.47 7.21
CA THR A 14 0.98 -1.37 8.19
C THR A 14 0.42 -2.80 8.20
N TYR A 15 -0.89 -2.97 8.05
CA TYR A 15 -1.47 -4.31 8.05
C TYR A 15 -1.09 -5.02 6.76
N SER A 16 -1.19 -4.29 5.67
CA SER A 16 -0.85 -4.79 4.35
C SER A 16 0.67 -4.95 4.23
N ALA A 17 1.39 -4.31 5.14
CA ALA A 17 2.85 -4.38 5.14
C ALA A 17 3.35 -5.80 5.38
N ALA A 18 2.46 -6.68 5.88
CA ALA A 18 2.81 -8.07 6.12
C ALA A 18 3.32 -8.70 4.82
N LEU A 19 2.65 -8.35 3.73
CA LEU A 19 3.02 -8.78 2.40
C LEU A 19 4.13 -7.95 1.82
N GLY A 20 4.39 -6.84 2.47
CA GLY A 20 5.39 -5.92 1.98
C GLY A 20 4.78 -5.04 0.93
N CYS A 21 3.51 -4.70 1.15
CA CYS A 21 2.76 -3.86 0.23
C CYS A 21 3.48 -2.55 -0.02
N THR A 22 3.93 -2.37 -1.26
CA THR A 22 4.62 -1.16 -1.62
C THR A 22 3.64 -0.14 -2.15
N CYS A 23 3.64 0.99 -1.51
CA CYS A 23 2.77 2.08 -1.89
C CYS A 23 3.48 3.02 -2.84
N ASP A 24 2.70 3.72 -3.66
CA ASP A 24 3.24 4.69 -4.59
C ASP A 24 3.34 6.05 -3.90
N ASP A 25 2.17 6.51 -3.42
CA ASP A 25 2.03 7.77 -2.68
C ASP A 25 2.40 9.00 -3.47
N ARG A 26 1.54 9.96 -3.33
CA ARG A 26 1.65 11.25 -3.97
C ARG A 26 0.75 12.20 -3.24
N SER A 27 0.94 12.22 -1.91
CA SER A 27 0.10 13.00 -1.02
C SER A 27 -1.24 12.30 -0.99
N ASP A 28 -1.12 10.96 -1.02
CA ASP A 28 -2.20 9.97 -1.03
C ASP A 28 -2.12 9.19 -2.34
N GLY A 29 -2.40 7.89 -2.27
CA GLY A 29 -2.32 7.06 -3.45
C GLY A 29 -3.02 5.74 -3.28
N LEU A 30 -2.23 4.67 -3.28
CA LEU A 30 -2.78 3.33 -3.17
C LEU A 30 -1.68 2.32 -2.84
N CYS A 31 -1.91 1.50 -1.82
CA CYS A 31 -0.95 0.48 -1.43
C CYS A 31 -1.04 -0.69 -2.40
N LYS A 32 0.10 -1.23 -2.77
CA LYS A 32 0.13 -2.32 -3.74
C LYS A 32 0.77 -3.57 -3.15
N ARG A 33 0.20 -4.73 -3.49
CA ARG A 33 0.64 -6.03 -2.95
C ARG A 33 1.93 -6.57 -3.57
N ASN A 34 2.05 -7.90 -3.57
CA ASN A 34 3.21 -8.63 -4.10
C ASN A 34 2.74 -9.97 -4.62
N GLY A 35 3.40 -10.49 -5.65
CA GLY A 35 2.97 -11.75 -6.26
C GLY A 35 1.83 -11.45 -7.22
N ASP A 36 0.97 -10.59 -6.73
CA ASP A 36 -0.17 -10.05 -7.44
C ASP A 36 -0.32 -8.60 -6.96
N PRO A 37 0.76 -7.78 -7.12
CA PRO A 37 0.81 -6.40 -6.65
C PRO A 37 -0.27 -5.50 -7.24
N THR A 1 -1.10 -6.08 -6.54
CA THR A 1 -2.21 -5.29 -6.94
C THR A 1 -2.73 -4.66 -5.67
N PHE A 2 -3.77 -3.89 -5.78
CA PHE A 2 -4.35 -3.21 -4.63
C PHE A 2 -4.63 -4.18 -3.47
N CYS A 3 -3.78 -4.11 -2.44
CA CYS A 3 -3.92 -4.97 -1.27
C CYS A 3 -5.25 -4.77 -0.57
N GLY A 4 -5.45 -3.54 -0.10
CA GLY A 4 -6.65 -3.16 0.60
C GLY A 4 -6.42 -1.88 1.36
N GLU A 5 -5.22 -1.78 1.91
CA GLU A 5 -4.77 -0.61 2.65
C GLU A 5 -4.66 0.62 1.74
N THR A 6 -4.52 1.78 2.37
CA THR A 6 -4.36 3.02 1.63
C THR A 6 -3.35 3.93 2.32
N CYS A 7 -2.25 4.17 1.65
CA CYS A 7 -1.20 5.04 2.18
C CYS A 7 -1.56 6.50 1.93
N ARG A 8 -2.53 7.00 2.71
CA ARG A 8 -3.03 8.37 2.57
C ARG A 8 -2.06 9.42 3.14
N VAL A 9 -2.46 10.14 4.20
CA VAL A 9 -1.60 11.16 4.79
C VAL A 9 -0.70 10.55 5.84
N ILE A 10 -0.56 9.25 5.72
CA ILE A 10 0.28 8.42 6.59
C ILE A 10 0.56 7.13 5.83
N PRO A 11 1.37 7.22 4.75
CA PRO A 11 1.66 6.08 3.90
C PRO A 11 2.33 4.91 4.58
N VAL A 12 2.83 4.01 3.74
CA VAL A 12 3.49 2.80 4.18
C VAL A 12 2.48 1.88 4.85
N CYS A 13 1.58 1.37 4.00
CA CYS A 13 0.50 0.46 4.39
C CYS A 13 1.00 -0.56 5.42
N THR A 14 0.68 -0.32 6.69
CA THR A 14 1.14 -1.16 7.79
C THR A 14 0.33 -2.45 7.98
N TYR A 15 -0.96 -2.43 7.67
CA TYR A 15 -1.79 -3.62 7.83
C TYR A 15 -1.40 -4.66 6.79
N SER A 16 -1.24 -4.19 5.57
CA SER A 16 -0.85 -5.06 4.47
C SER A 16 0.67 -5.10 4.35
N ALA A 17 1.36 -4.54 5.35
CA ALA A 17 2.82 -4.51 5.36
C ALA A 17 3.41 -5.90 5.51
N ALA A 18 2.64 -6.83 6.08
CA ALA A 18 3.11 -8.21 6.27
C ALA A 18 3.57 -8.80 4.94
N LEU A 19 2.81 -8.51 3.90
CA LEU A 19 3.11 -8.94 2.55
C LEU A 19 4.17 -8.09 1.89
N GLY A 20 4.50 -6.98 2.51
CA GLY A 20 5.46 -6.07 1.94
C GLY A 20 4.78 -5.19 0.93
N CYS A 21 3.51 -4.90 1.20
CA CYS A 21 2.69 -4.08 0.34
C CYS A 21 3.25 -2.67 0.23
N THR A 22 3.83 -2.37 -0.91
CA THR A 22 4.36 -1.05 -1.15
C THR A 22 3.52 -0.36 -2.20
N CYS A 23 3.05 0.81 -1.87
CA CYS A 23 2.23 1.57 -2.78
C CYS A 23 3.10 2.51 -3.61
N ASP A 24 2.56 3.67 -3.89
CA ASP A 24 3.26 4.68 -4.68
C ASP A 24 3.27 6.02 -3.95
N ASP A 25 2.08 6.43 -3.48
CA ASP A 25 1.88 7.70 -2.78
C ASP A 25 2.12 8.88 -3.68
N ARG A 26 1.11 9.71 -3.74
CA ARG A 26 1.13 10.90 -4.57
C ARG A 26 0.05 11.82 -4.09
N SER A 27 0.07 12.10 -2.79
CA SER A 27 -0.97 12.90 -2.17
C SER A 27 -2.19 12.02 -2.17
N ASP A 28 -1.91 10.80 -1.69
CA ASP A 28 -2.86 9.69 -1.58
C ASP A 28 -2.72 8.76 -2.77
N GLY A 29 -1.91 7.71 -2.60
CA GLY A 29 -1.71 6.75 -3.65
C GLY A 29 -2.57 5.52 -3.48
N LEU A 30 -2.01 4.36 -3.75
CA LEU A 30 -2.74 3.12 -3.65
C LEU A 30 -1.78 1.94 -3.42
N CYS A 31 -1.96 1.24 -2.30
CA CYS A 31 -1.10 0.11 -1.91
C CYS A 31 -1.11 -1.05 -2.90
N LYS A 32 0.04 -1.69 -3.07
CA LYS A 32 0.18 -2.82 -3.99
C LYS A 32 0.81 -4.03 -3.27
N ARG A 33 0.26 -5.22 -3.55
CA ARG A 33 0.70 -6.47 -2.91
C ARG A 33 1.99 -7.05 -3.48
N ASN A 34 2.11 -8.38 -3.34
CA ASN A 34 3.23 -9.17 -3.81
C ASN A 34 2.72 -10.57 -4.14
N GLY A 35 3.36 -11.24 -5.09
CA GLY A 35 2.87 -12.55 -5.52
C GLY A 35 1.83 -12.32 -6.59
N ASP A 36 0.96 -11.37 -6.28
CA ASP A 36 -0.08 -10.88 -7.15
C ASP A 36 -0.20 -9.37 -6.88
N PRO A 37 0.95 -8.63 -6.96
CA PRO A 37 1.01 -7.18 -6.66
C PRO A 37 -0.06 -6.33 -7.33
N THR A 1 -2.51 -4.90 -6.27
CA THR A 1 -3.61 -4.04 -6.66
C THR A 1 -4.48 -3.76 -5.46
N PHE A 2 -3.87 -3.11 -4.48
CA PHE A 2 -4.51 -2.72 -3.25
C PHE A 2 -4.57 -3.86 -2.23
N CYS A 3 -3.60 -3.86 -1.33
CA CYS A 3 -3.49 -4.88 -0.27
C CYS A 3 -4.72 -4.87 0.63
N GLY A 4 -4.92 -3.74 1.32
CA GLY A 4 -6.04 -3.59 2.23
C GLY A 4 -6.08 -2.19 2.81
N GLU A 5 -4.92 -1.71 3.24
CA GLU A 5 -4.80 -0.37 3.79
C GLU A 5 -4.61 0.62 2.64
N THR A 6 -4.73 1.90 2.93
CA THR A 6 -4.54 2.90 1.91
C THR A 6 -3.52 3.94 2.33
N CYS A 7 -2.37 3.94 1.67
CA CYS A 7 -1.32 4.89 1.97
C CYS A 7 -1.58 6.21 1.23
N ARG A 8 -2.77 6.78 1.45
CA ARG A 8 -3.18 8.02 0.79
C ARG A 8 -2.77 9.24 1.63
N VAL A 9 -3.65 9.63 2.57
CA VAL A 9 -3.37 10.78 3.42
C VAL A 9 -2.62 10.32 4.67
N ILE A 10 -2.79 9.06 5.02
CA ILE A 10 -2.10 8.45 6.14
C ILE A 10 -1.43 7.18 5.63
N PRO A 11 -0.34 7.35 4.85
CA PRO A 11 0.36 6.22 4.23
C PRO A 11 1.07 5.29 5.19
N VAL A 12 2.06 4.62 4.63
CA VAL A 12 2.88 3.65 5.34
C VAL A 12 2.03 2.50 5.83
N CYS A 13 1.57 1.70 4.90
CA CYS A 13 0.73 0.55 5.19
C CYS A 13 1.42 -0.33 6.25
N THR A 14 0.86 -0.36 7.44
CA THR A 14 1.46 -1.12 8.54
C THR A 14 1.20 -2.63 8.46
N TYR A 15 -0.01 -3.02 8.09
CA TYR A 15 -0.35 -4.44 8.00
C TYR A 15 0.04 -5.00 6.64
N SER A 16 -0.27 -4.23 5.60
CA SER A 16 0.04 -4.61 4.23
C SER A 16 1.54 -4.75 4.02
N ALA A 17 2.30 -4.03 4.83
CA ALA A 17 3.77 -4.06 4.74
C ALA A 17 4.32 -5.47 4.95
N ALA A 18 3.59 -6.31 5.69
CA ALA A 18 4.03 -7.68 5.97
C ALA A 18 4.32 -8.44 4.68
N LEU A 19 3.47 -8.27 3.69
CA LEU A 19 3.62 -8.92 2.39
C LEU A 19 4.69 -8.23 1.55
N GLY A 20 5.08 -7.06 1.98
CA GLY A 20 6.05 -6.28 1.23
C GLY A 20 5.36 -5.52 0.14
N CYS A 21 4.20 -4.97 0.50
CA CYS A 21 3.34 -4.23 -0.41
C CYS A 21 4.12 -3.19 -1.24
N THR A 22 3.68 -3.03 -2.48
CA THR A 22 4.31 -2.14 -3.46
C THR A 22 3.78 -0.72 -3.39
N CYS A 23 3.05 -0.44 -2.34
CA CYS A 23 2.45 0.88 -2.11
C CYS A 23 3.42 2.00 -2.51
N ASP A 24 2.90 2.99 -3.22
CA ASP A 24 3.72 4.12 -3.69
C ASP A 24 3.79 5.23 -2.66
N ASP A 25 2.74 6.06 -2.63
CA ASP A 25 2.62 7.23 -1.73
C ASP A 25 3.56 8.33 -2.15
N ARG A 26 2.95 9.48 -2.28
CA ARG A 26 3.62 10.69 -2.67
C ARG A 26 2.75 11.83 -2.20
N SER A 27 2.36 11.71 -0.93
CA SER A 27 1.44 12.61 -0.27
C SER A 27 0.04 12.13 -0.61
N ASP A 28 0.05 11.00 -1.33
CA ASP A 28 -1.14 10.30 -1.78
C ASP A 28 -0.74 9.10 -2.63
N GLY A 29 -1.46 8.00 -2.50
CA GLY A 29 -1.17 6.81 -3.26
C GLY A 29 -2.14 5.69 -2.99
N LEU A 30 -1.61 4.49 -2.88
CA LEU A 30 -2.43 3.31 -2.64
C LEU A 30 -1.53 2.12 -2.32
N CYS A 31 -1.87 1.37 -1.28
CA CYS A 31 -1.08 0.20 -0.91
C CYS A 31 -1.30 -0.91 -1.92
N LYS A 32 -0.28 -1.23 -2.70
CA LYS A 32 -0.40 -2.27 -3.69
C LYS A 32 0.11 -3.57 -3.08
N ARG A 33 -0.59 -4.68 -3.30
CA ARG A 33 -0.19 -5.96 -2.66
C ARG A 33 1.01 -6.61 -3.34
N ASN A 34 0.91 -7.91 -3.61
CA ASN A 34 1.98 -8.69 -4.24
C ASN A 34 1.39 -9.90 -4.93
N GLY A 35 2.05 -10.36 -5.99
CA GLY A 35 1.52 -11.46 -6.78
C GLY A 35 0.60 -10.88 -7.85
N ASP A 36 -0.20 -9.95 -7.36
CA ASP A 36 -1.14 -9.18 -8.16
C ASP A 36 -1.36 -7.85 -7.41
N PRO A 37 -0.27 -7.10 -7.13
CA PRO A 37 -0.30 -5.82 -6.37
C PRO A 37 -1.34 -4.85 -6.89
N THR A 1 -1.61 -5.28 -6.22
CA THR A 1 -2.80 -4.53 -6.42
C THR A 1 -3.25 -4.12 -5.03
N PHE A 2 -4.09 -3.13 -4.96
CA PHE A 2 -4.59 -2.57 -3.71
C PHE A 2 -4.80 -3.63 -2.62
N CYS A 3 -3.82 -3.74 -1.72
CA CYS A 3 -3.86 -4.70 -0.62
C CYS A 3 -5.12 -4.54 0.23
N GLY A 4 -5.30 -3.36 0.79
CA GLY A 4 -6.45 -3.10 1.64
C GLY A 4 -6.36 -1.76 2.32
N GLU A 5 -5.20 -1.48 2.90
CA GLU A 5 -4.96 -0.22 3.58
C GLU A 5 -4.81 0.91 2.57
N THR A 6 -5.05 2.13 3.01
CA THR A 6 -4.89 3.27 2.14
C THR A 6 -3.80 4.18 2.64
N CYS A 7 -2.70 4.21 1.90
CA CYS A 7 -1.56 5.06 2.22
C CYS A 7 -1.78 6.44 1.64
N ARG A 8 -2.90 7.05 2.01
CA ARG A 8 -3.27 8.36 1.49
C ARG A 8 -2.52 9.51 2.14
N VAL A 9 -3.11 10.10 3.16
CA VAL A 9 -2.48 11.23 3.81
C VAL A 9 -1.51 10.72 4.86
N ILE A 10 -1.84 9.57 5.40
CA ILE A 10 -1.00 8.89 6.37
C ILE A 10 -0.67 7.51 5.80
N PRO A 11 0.30 7.46 4.87
CA PRO A 11 0.66 6.22 4.19
C PRO A 11 1.32 5.17 5.07
N VAL A 12 2.12 4.36 4.39
CA VAL A 12 2.87 3.27 4.99
C VAL A 12 1.95 2.15 5.46
N CYS A 13 1.53 1.36 4.50
CA CYS A 13 0.65 0.22 4.73
C CYS A 13 1.29 -0.76 5.71
N THR A 14 0.87 -0.69 6.97
CA THR A 14 1.43 -1.55 8.01
C THR A 14 0.68 -2.85 8.21
N TYR A 15 -0.51 -2.98 7.61
CA TYR A 15 -1.30 -4.19 7.76
C TYR A 15 -0.81 -5.27 6.80
N SER A 16 -0.73 -4.91 5.54
CA SER A 16 -0.28 -5.82 4.50
C SER A 16 1.24 -5.72 4.33
N ALA A 17 1.88 -5.13 5.33
CA ALA A 17 3.33 -4.98 5.32
C ALA A 17 4.02 -6.34 5.35
N ALA A 18 3.34 -7.34 5.92
CA ALA A 18 3.90 -8.70 6.00
C ALA A 18 4.25 -9.21 4.60
N LEU A 19 3.36 -8.96 3.65
CA LEU A 19 3.57 -9.35 2.26
C LEU A 19 4.58 -8.47 1.57
N GLY A 20 4.89 -7.36 2.21
CA GLY A 20 5.80 -6.42 1.64
C GLY A 20 5.06 -5.49 0.70
N CYS A 21 3.81 -5.24 1.05
CA CYS A 21 2.95 -4.36 0.27
C CYS A 21 3.62 -3.01 0.08
N THR A 22 3.88 -2.66 -1.18
CA THR A 22 4.52 -1.42 -1.48
C THR A 22 3.53 -0.42 -2.05
N CYS A 23 3.53 0.73 -1.45
CA CYS A 23 2.64 1.79 -1.86
C CYS A 23 3.36 2.70 -2.86
N ASP A 24 2.59 3.48 -3.59
CA ASP A 24 3.16 4.42 -4.55
C ASP A 24 3.42 5.75 -3.84
N ASP A 25 2.36 6.31 -3.26
CA ASP A 25 2.39 7.55 -2.47
C ASP A 25 2.93 8.75 -3.21
N ARG A 26 2.12 9.80 -3.14
CA ARG A 26 2.42 11.06 -3.77
C ARG A 26 1.77 12.12 -2.89
N SER A 27 1.95 11.94 -1.58
CA SER A 27 1.30 12.76 -0.55
C SER A 27 -0.13 12.26 -0.46
N ASP A 28 -0.32 11.13 -1.14
CA ASP A 28 -1.57 10.40 -1.25
C ASP A 28 -1.37 9.35 -2.35
N GLY A 29 -1.73 8.10 -2.09
CA GLY A 29 -1.54 7.07 -3.10
C GLY A 29 -2.42 5.87 -2.94
N LEU A 30 -1.81 4.69 -3.07
CA LEU A 30 -2.55 3.45 -2.99
C LEU A 30 -1.60 2.29 -2.66
N CYS A 31 -1.97 1.48 -1.67
CA CYS A 31 -1.17 0.33 -1.23
C CYS A 31 -1.21 -0.78 -2.26
N LYS A 32 -0.06 -1.34 -2.62
CA LYS A 32 -0.04 -2.41 -3.60
C LYS A 32 0.61 -3.67 -3.04
N ARG A 33 0.05 -4.81 -3.43
CA ARG A 33 0.46 -6.12 -2.92
C ARG A 33 1.76 -6.64 -3.57
N ASN A 34 1.81 -7.96 -3.75
CA ASN A 34 2.94 -8.68 -4.36
C ASN A 34 2.42 -9.96 -4.98
N GLY A 35 3.06 -10.43 -6.04
CA GLY A 35 2.57 -11.61 -6.75
C GLY A 35 1.47 -11.18 -7.69
N ASP A 36 0.64 -10.32 -7.12
CA ASP A 36 -0.46 -9.66 -7.79
C ASP A 36 -0.57 -8.29 -7.14
N PRO A 37 0.51 -7.47 -7.20
CA PRO A 37 0.56 -6.16 -6.55
C PRO A 37 -0.56 -5.23 -7.01
N THR A 1 -1.70 -5.98 -6.16
CA THR A 1 -2.90 -5.27 -6.41
C THR A 1 -3.25 -4.56 -5.12
N PHE A 2 -4.27 -3.75 -5.16
CA PHE A 2 -4.69 -2.99 -3.99
C PHE A 2 -4.86 -3.91 -2.77
N CYS A 3 -3.88 -3.84 -1.87
CA CYS A 3 -3.85 -4.66 -0.67
C CYS A 3 -5.14 -4.58 0.13
N GLY A 4 -5.42 -3.39 0.64
CA GLY A 4 -6.62 -3.16 1.42
C GLY A 4 -6.57 -1.82 2.11
N GLU A 5 -5.42 -1.52 2.69
CA GLU A 5 -5.20 -0.25 3.37
C GLU A 5 -5.05 0.87 2.36
N THR A 6 -5.14 2.10 2.84
CA THR A 6 -4.97 3.25 1.97
C THR A 6 -3.97 4.22 2.56
N CYS A 7 -2.84 4.31 1.90
CA CYS A 7 -1.74 5.18 2.30
C CYS A 7 -2.03 6.64 1.91
N ARG A 8 -3.04 7.24 2.54
CA ARG A 8 -3.47 8.62 2.25
C ARG A 8 -2.48 9.63 2.80
N VAL A 9 -2.90 10.36 3.83
CA VAL A 9 -2.03 11.34 4.41
C VAL A 9 -1.17 10.70 5.48
N ILE A 10 -1.53 9.45 5.78
CA ILE A 10 -0.80 8.62 6.72
C ILE A 10 -0.52 7.31 6.01
N PRO A 11 0.44 7.34 5.06
CA PRO A 11 0.77 6.18 4.24
C PRO A 11 1.45 5.05 4.97
N VAL A 12 2.22 4.31 4.20
CA VAL A 12 2.97 3.16 4.67
C VAL A 12 2.04 2.09 5.20
N CYS A 13 1.44 1.38 4.25
CA CYS A 13 0.50 0.30 4.55
C CYS A 13 1.14 -0.74 5.48
N THR A 14 0.80 -0.65 6.76
CA THR A 14 1.36 -1.53 7.77
C THR A 14 0.62 -2.86 7.93
N TYR A 15 -0.59 -2.96 7.39
CA TYR A 15 -1.36 -4.20 7.50
C TYR A 15 -0.82 -5.24 6.51
N SER A 16 -0.75 -4.83 5.26
CA SER A 16 -0.25 -5.70 4.21
C SER A 16 1.25 -5.51 4.04
N ALA A 17 1.87 -4.95 5.07
CA ALA A 17 3.31 -4.72 5.08
C ALA A 17 4.06 -6.05 5.04
N ALA A 18 3.42 -7.11 5.53
CA ALA A 18 4.03 -8.44 5.54
C ALA A 18 4.43 -8.85 4.12
N LEU A 19 3.53 -8.58 3.18
CA LEU A 19 3.78 -8.86 1.77
C LEU A 19 4.76 -7.89 1.17
N GLY A 20 4.96 -6.79 1.86
CA GLY A 20 5.84 -5.76 1.35
C GLY A 20 5.06 -4.84 0.44
N CYS A 21 3.79 -4.66 0.80
CA CYS A 21 2.88 -3.81 0.05
C CYS A 21 3.46 -2.42 -0.18
N THR A 22 3.80 -2.16 -1.44
CA THR A 22 4.36 -0.90 -1.83
C THR A 22 3.27 0.04 -2.31
N CYS A 23 3.31 1.23 -1.77
CA CYS A 23 2.35 2.27 -2.11
C CYS A 23 2.89 3.12 -3.26
N ASP A 24 2.83 4.41 -3.06
CA ASP A 24 3.30 5.41 -4.01
C ASP A 24 3.77 6.62 -3.20
N ASP A 25 2.90 7.04 -2.28
CA ASP A 25 3.15 8.15 -1.35
C ASP A 25 3.62 9.40 -2.02
N ARG A 26 2.63 10.21 -2.33
CA ARG A 26 2.81 11.49 -2.97
C ARG A 26 1.62 12.34 -2.59
N SER A 27 0.84 12.74 -3.58
CA SER A 27 -0.38 13.48 -3.35
C SER A 27 -1.49 12.44 -3.15
N ASP A 28 -1.20 11.49 -2.27
CA ASP A 28 -2.07 10.35 -1.96
C ASP A 28 -1.90 9.29 -3.04
N GLY A 29 -1.89 8.02 -2.64
CA GLY A 29 -1.70 6.96 -3.59
C GLY A 29 -2.62 5.78 -3.36
N LEU A 30 -2.03 4.59 -3.34
CA LEU A 30 -2.81 3.37 -3.17
C LEU A 30 -1.87 2.17 -2.93
N CYS A 31 -2.14 1.44 -1.84
CA CYS A 31 -1.34 0.27 -1.46
C CYS A 31 -1.38 -0.85 -2.50
N LYS A 32 -0.23 -1.44 -2.79
CA LYS A 32 -0.16 -2.52 -3.78
C LYS A 32 0.63 -3.71 -3.23
N ARG A 33 0.09 -4.91 -3.44
CA ARG A 33 0.68 -6.16 -2.92
C ARG A 33 1.89 -6.65 -3.72
N ASN A 34 2.19 -7.94 -3.51
CA ASN A 34 3.27 -8.66 -4.20
C ASN A 34 2.82 -10.11 -4.30
N GLY A 35 3.22 -10.80 -5.36
CA GLY A 35 2.73 -12.17 -5.58
C GLY A 35 1.37 -12.07 -6.24
N ASP A 36 0.61 -11.13 -5.71
CA ASP A 36 -0.70 -10.73 -6.17
C ASP A 36 -0.74 -9.19 -6.06
N PRO A 37 0.27 -8.49 -6.66
CA PRO A 37 0.40 -7.02 -6.56
C PRO A 37 -0.81 -6.26 -7.09
N THR A 1 -2.17 -5.77 -6.23
CA THR A 1 -3.38 -5.01 -6.35
C THR A 1 -3.57 -4.39 -4.99
N PHE A 2 -4.48 -3.45 -4.88
CA PHE A 2 -4.75 -2.76 -3.62
C PHE A 2 -4.81 -3.76 -2.45
N CYS A 3 -3.72 -3.77 -1.66
CA CYS A 3 -3.55 -4.68 -0.54
C CYS A 3 -4.77 -4.72 0.39
N GLY A 4 -5.03 -3.61 1.05
CA GLY A 4 -6.15 -3.50 1.97
C GLY A 4 -6.16 -2.15 2.64
N GLU A 5 -4.98 -1.74 3.09
CA GLU A 5 -4.81 -0.45 3.73
C GLU A 5 -4.70 0.62 2.65
N THR A 6 -4.85 1.88 3.06
CA THR A 6 -4.72 2.97 2.12
C THR A 6 -3.69 3.97 2.61
N CYS A 7 -2.58 4.05 1.90
CA CYS A 7 -1.51 4.98 2.24
C CYS A 7 -1.78 6.34 1.63
N ARG A 8 -2.88 6.96 2.04
CA ARG A 8 -3.28 8.26 1.52
C ARG A 8 -2.71 9.41 2.35
N VAL A 9 -3.52 9.99 3.23
CA VAL A 9 -3.09 11.10 4.05
C VAL A 9 -2.43 10.59 5.33
N ILE A 10 -2.20 9.29 5.33
CA ILE A 10 -1.57 8.57 6.43
C ILE A 10 -0.99 7.28 5.86
N PRO A 11 0.02 7.41 4.96
CA PRO A 11 0.61 6.25 4.28
C PRO A 11 1.34 5.27 5.16
N VAL A 12 2.20 4.50 4.50
CA VAL A 12 3.01 3.48 5.11
C VAL A 12 2.14 2.34 5.61
N CYS A 13 1.58 1.62 4.65
CA CYS A 13 0.71 0.48 4.93
C CYS A 13 1.47 -0.52 5.80
N THR A 14 1.11 -0.60 7.09
CA THR A 14 1.79 -1.50 8.02
C THR A 14 1.32 -2.96 7.88
N TYR A 15 0.02 -3.14 7.73
CA TYR A 15 -0.58 -4.47 7.58
C TYR A 15 -0.19 -5.04 6.23
N SER A 16 -0.36 -4.20 5.22
CA SER A 16 -0.06 -4.56 3.85
C SER A 16 1.45 -4.72 3.65
N ALA A 17 2.23 -4.10 4.53
CA ALA A 17 3.69 -4.19 4.44
C ALA A 17 4.18 -5.63 4.60
N ALA A 18 3.35 -6.48 5.23
CA ALA A 18 3.71 -7.88 5.43
C ALA A 18 4.07 -8.55 4.11
N LEU A 19 3.29 -8.25 3.08
CA LEU A 19 3.54 -8.79 1.74
C LEU A 19 4.66 -8.04 1.05
N GLY A 20 4.98 -6.88 1.57
CA GLY A 20 5.98 -6.05 0.95
C GLY A 20 5.33 -5.19 -0.10
N CYS A 21 4.15 -4.68 0.26
CA CYS A 21 3.34 -3.86 -0.63
C CYS A 21 4.16 -2.73 -1.27
N THR A 22 3.85 -2.49 -2.53
CA THR A 22 4.56 -1.53 -3.38
C THR A 22 4.05 -0.11 -3.25
N CYS A 23 3.19 0.13 -2.29
CA CYS A 23 2.60 1.45 -2.05
C CYS A 23 3.66 2.55 -2.21
N ASP A 24 3.33 3.59 -2.98
CA ASP A 24 4.27 4.69 -3.21
C ASP A 24 3.89 5.97 -2.46
N ASP A 25 2.74 6.56 -2.82
CA ASP A 25 2.23 7.80 -2.21
C ASP A 25 3.01 9.01 -2.69
N ARG A 26 2.25 10.05 -2.96
CA ARG A 26 2.81 11.31 -3.45
C ARG A 26 1.88 12.44 -3.10
N SER A 27 0.63 12.18 -3.37
CA SER A 27 -0.46 13.10 -3.12
C SER A 27 -1.66 12.21 -2.92
N ASP A 28 -1.43 11.26 -2.00
CA ASP A 28 -2.37 10.23 -1.64
C ASP A 28 -2.27 9.07 -2.60
N GLY A 29 -1.35 8.16 -2.32
CA GLY A 29 -1.15 7.00 -3.16
C GLY A 29 -2.14 5.90 -2.89
N LEU A 30 -1.63 4.67 -2.91
CA LEU A 30 -2.46 3.50 -2.70
C LEU A 30 -1.57 2.25 -2.60
N CYS A 31 -1.79 1.44 -1.58
CA CYS A 31 -0.99 0.24 -1.36
C CYS A 31 -1.23 -0.82 -2.43
N LYS A 32 -0.16 -1.40 -2.94
CA LYS A 32 -0.28 -2.45 -3.95
C LYS A 32 0.41 -3.70 -3.41
N ARG A 33 -0.28 -4.84 -3.48
CA ARG A 33 0.24 -6.09 -2.91
C ARG A 33 1.30 -6.78 -3.78
N ASN A 34 1.44 -8.09 -3.58
CA ASN A 34 2.41 -8.91 -4.31
C ASN A 34 1.81 -10.28 -4.53
N GLY A 35 2.29 -11.00 -5.55
CA GLY A 35 1.70 -12.28 -5.89
C GLY A 35 0.49 -12.04 -6.76
N ASP A 36 -0.26 -11.04 -6.32
CA ASP A 36 -1.43 -10.51 -6.98
C ASP A 36 -1.43 -8.99 -6.75
N PRO A 37 -0.29 -8.30 -7.03
CA PRO A 37 -0.14 -6.84 -6.80
C PRO A 37 -1.34 -6.01 -7.23
N THR A 1 -2.11 -5.26 -6.04
CA THR A 1 -3.30 -4.48 -6.14
C THR A 1 -3.62 -4.09 -4.73
N PHE A 2 -4.58 -3.20 -4.56
CA PHE A 2 -4.98 -2.69 -3.25
C PHE A 2 -4.85 -3.74 -2.13
N CYS A 3 -3.75 -3.61 -1.36
CA CYS A 3 -3.44 -4.54 -0.27
C CYS A 3 -4.61 -4.69 0.70
N GLY A 4 -4.93 -3.60 1.40
CA GLY A 4 -6.00 -3.59 2.36
C GLY A 4 -6.11 -2.23 3.00
N GLU A 5 -4.96 -1.70 3.38
CA GLU A 5 -4.87 -0.39 3.97
C GLU A 5 -4.75 0.64 2.86
N THR A 6 -4.80 1.91 3.21
CA THR A 6 -4.67 2.95 2.21
C THR A 6 -3.61 3.96 2.61
N CYS A 7 -2.50 3.96 1.89
CA CYS A 7 -1.43 4.91 2.15
C CYS A 7 -1.77 6.21 1.44
N ARG A 8 -2.94 6.75 1.76
CA ARG A 8 -3.44 7.97 1.16
C ARG A 8 -3.01 9.21 1.90
N VAL A 9 -3.77 9.57 2.92
CA VAL A 9 -3.45 10.74 3.68
C VAL A 9 -2.49 10.38 4.80
N ILE A 10 -2.61 9.14 5.24
CA ILE A 10 -1.75 8.57 6.26
C ILE A 10 -1.18 7.27 5.70
N PRO A 11 -0.11 7.38 4.90
CA PRO A 11 0.50 6.24 4.21
C PRO A 11 1.12 5.17 5.10
N VAL A 12 2.23 4.63 4.60
CA VAL A 12 2.98 3.56 5.24
C VAL A 12 2.10 2.44 5.78
N CYS A 13 1.53 1.69 4.85
CA CYS A 13 0.66 0.57 5.16
C CYS A 13 1.42 -0.43 6.06
N THR A 14 1.07 -0.46 7.35
CA THR A 14 1.77 -1.32 8.30
C THR A 14 1.33 -2.80 8.23
N TYR A 15 0.05 -3.05 7.98
CA TYR A 15 -0.44 -4.43 7.90
C TYR A 15 -0.10 -5.02 6.55
N SER A 16 -0.32 -4.21 5.53
CA SER A 16 -0.04 -4.58 4.15
C SER A 16 1.46 -4.80 3.96
N ALA A 17 2.25 -4.17 4.81
CA ALA A 17 3.70 -4.28 4.76
C ALA A 17 4.16 -5.72 4.95
N ALA A 18 3.29 -6.59 5.47
CA ALA A 18 3.62 -8.01 5.67
C ALA A 18 4.04 -8.62 4.35
N LEU A 19 3.28 -8.29 3.31
CA LEU A 19 3.56 -8.74 1.95
C LEU A 19 4.62 -7.87 1.31
N GLY A 20 4.88 -6.76 1.97
CA GLY A 20 5.81 -5.78 1.47
C GLY A 20 5.04 -4.63 0.89
N CYS A 21 4.18 -4.98 -0.07
CA CYS A 21 3.31 -4.04 -0.75
C CYS A 21 4.12 -2.98 -1.53
N THR A 22 3.65 -2.72 -2.74
CA THR A 22 4.29 -1.80 -3.66
C THR A 22 3.80 -0.36 -3.46
N CYS A 23 2.94 -0.18 -2.46
CA CYS A 23 2.37 1.14 -2.12
C CYS A 23 3.38 2.26 -2.41
N ASP A 24 2.96 3.24 -3.19
CA ASP A 24 3.85 4.33 -3.58
C ASP A 24 3.82 5.50 -2.59
N ASP A 25 2.76 6.31 -2.69
CA ASP A 25 2.57 7.52 -1.89
C ASP A 25 3.47 8.61 -2.37
N ARG A 26 2.81 9.68 -2.74
CA ARG A 26 3.44 10.87 -3.29
C ARG A 26 2.36 11.90 -3.49
N SER A 27 1.94 12.47 -2.38
CA SER A 27 0.86 13.43 -2.36
C SER A 27 -0.43 12.65 -2.57
N ASP A 28 -0.48 11.49 -1.89
CA ASP A 28 -1.61 10.54 -1.91
C ASP A 28 -1.43 9.47 -2.97
N GLY A 29 -1.82 8.23 -2.61
CA GLY A 29 -1.72 7.10 -3.50
C GLY A 29 -2.62 5.96 -3.08
N LEU A 30 -2.05 4.76 -2.98
CA LEU A 30 -2.83 3.58 -2.61
C LEU A 30 -1.89 2.37 -2.39
N CYS A 31 -2.15 1.59 -1.34
CA CYS A 31 -1.32 0.42 -1.04
C CYS A 31 -1.54 -0.68 -2.07
N LYS A 32 -0.48 -1.13 -2.71
CA LYS A 32 -0.58 -2.21 -3.69
C LYS A 32 0.18 -3.42 -3.19
N ARG A 33 -0.35 -4.62 -3.40
CA ARG A 33 0.24 -5.87 -2.88
C ARG A 33 1.46 -6.35 -3.67
N ASN A 34 1.63 -7.66 -3.73
CA ASN A 34 2.74 -8.31 -4.43
C ASN A 34 2.28 -9.67 -4.94
N GLY A 35 2.86 -10.14 -6.04
CA GLY A 35 2.43 -11.41 -6.62
C GLY A 35 1.20 -11.15 -7.48
N ASP A 36 0.35 -10.33 -6.90
CA ASP A 36 -0.88 -9.83 -7.48
C ASP A 36 -1.04 -8.41 -6.92
N PRO A 37 -0.03 -7.54 -7.14
CA PRO A 37 0.01 -6.17 -6.59
C PRO A 37 -1.17 -5.29 -6.97
N THR A 1 -1.46 -5.72 -7.15
CA THR A 1 -2.44 -4.95 -7.90
C THR A 1 -3.52 -4.49 -6.94
N PHE A 2 -3.08 -3.71 -5.95
CA PHE A 2 -3.94 -3.17 -4.90
C PHE A 2 -4.10 -4.19 -3.76
N CYS A 3 -3.30 -3.98 -2.72
CA CYS A 3 -3.30 -4.82 -1.52
C CYS A 3 -4.62 -4.67 -0.78
N GLY A 4 -4.84 -3.47 -0.28
CA GLY A 4 -6.05 -3.16 0.45
C GLY A 4 -6.01 -1.78 1.06
N GLU A 5 -4.90 -1.48 1.73
CA GLU A 5 -4.72 -0.19 2.39
C GLU A 5 -4.49 0.95 1.39
N THR A 6 -4.36 2.15 1.94
CA THR A 6 -4.11 3.34 1.15
C THR A 6 -3.11 4.23 1.89
N CYS A 7 -2.05 4.65 1.20
CA CYS A 7 -1.06 5.51 1.83
C CYS A 7 -1.54 6.97 1.80
N ARG A 8 -2.65 7.19 2.50
CA ARG A 8 -3.32 8.49 2.60
C ARG A 8 -2.49 9.54 3.33
N VAL A 9 -3.04 10.05 4.42
CA VAL A 9 -2.37 11.08 5.21
C VAL A 9 -1.46 10.41 6.26
N ILE A 10 -1.05 9.20 5.89
CA ILE A 10 -0.17 8.36 6.67
C ILE A 10 0.22 7.19 5.79
N PRO A 11 1.08 7.43 4.78
CA PRO A 11 1.49 6.40 3.80
C PRO A 11 2.17 5.18 4.38
N VAL A 12 3.05 4.61 3.54
CA VAL A 12 3.79 3.39 3.87
C VAL A 12 2.92 2.36 4.57
N CYS A 13 1.92 1.90 3.82
CA CYS A 13 0.92 0.91 4.25
C CYS A 13 1.47 -0.05 5.30
N THR A 14 1.35 0.33 6.57
CA THR A 14 1.86 -0.48 7.67
C THR A 14 0.96 -1.66 8.01
N TYR A 15 -0.33 -1.55 7.71
CA TYR A 15 -1.27 -2.62 8.00
C TYR A 15 -1.01 -3.80 7.07
N SER A 16 -0.89 -3.49 5.79
CA SER A 16 -0.64 -4.49 4.77
C SER A 16 0.87 -4.68 4.55
N ALA A 17 1.67 -4.04 5.42
CA ALA A 17 3.12 -4.12 5.33
C ALA A 17 3.64 -5.53 5.65
N ALA A 18 2.86 -6.29 6.42
CA ALA A 18 3.26 -7.66 6.78
C ALA A 18 3.55 -8.48 5.54
N LEU A 19 2.76 -8.24 4.50
CA LEU A 19 2.91 -8.91 3.22
C LEU A 19 4.07 -8.35 2.42
N GLY A 20 4.47 -7.14 2.75
CA GLY A 20 5.54 -6.47 2.03
C GLY A 20 4.94 -5.57 0.97
N CYS A 21 3.64 -5.35 1.14
CA CYS A 21 2.84 -4.53 0.26
C CYS A 21 3.31 -3.07 0.27
N THR A 22 3.45 -2.51 -0.92
CA THR A 22 3.89 -1.13 -1.06
C THR A 22 3.08 -0.43 -2.15
N CYS A 23 2.70 0.81 -1.87
CA CYS A 23 1.92 1.59 -2.80
C CYS A 23 2.78 2.45 -3.72
N ASP A 24 2.49 3.74 -3.70
CA ASP A 24 3.18 4.72 -4.53
C ASP A 24 3.48 5.99 -3.69
N ASP A 25 2.44 6.52 -3.06
CA ASP A 25 2.51 7.74 -2.21
C ASP A 25 2.96 8.97 -2.96
N ARG A 26 1.97 9.79 -3.17
CA ARG A 26 2.06 11.07 -3.83
C ARG A 26 0.73 11.78 -3.60
N SER A 27 0.45 12.00 -2.31
CA SER A 27 -0.80 12.59 -1.86
C SER A 27 -1.85 11.50 -1.94
N ASP A 28 -1.44 10.31 -1.48
CA ASP A 28 -2.25 9.10 -1.48
C ASP A 28 -2.39 8.54 -2.90
N GLY A 29 -2.96 7.36 -2.98
CA GLY A 29 -3.16 6.72 -4.25
C GLY A 29 -3.83 5.37 -4.08
N LEU A 30 -3.03 4.37 -3.71
CA LEU A 30 -3.53 3.02 -3.48
C LEU A 30 -2.37 2.05 -3.25
N CYS A 31 -2.43 1.28 -2.17
CA CYS A 31 -1.37 0.32 -1.84
C CYS A 31 -1.43 -0.90 -2.76
N LYS A 32 -0.28 -1.38 -3.19
CA LYS A 32 -0.23 -2.53 -4.07
C LYS A 32 0.00 -3.81 -3.28
N ARG A 33 -0.49 -4.92 -3.81
CA ARG A 33 -0.39 -6.21 -3.12
C ARG A 33 1.00 -6.85 -3.30
N ASN A 34 1.05 -8.17 -3.21
CA ASN A 34 2.27 -8.96 -3.37
C ASN A 34 1.90 -10.30 -4.00
N GLY A 35 2.79 -10.86 -4.80
CA GLY A 35 2.47 -12.11 -5.50
C GLY A 35 1.66 -11.78 -6.74
N ASP A 36 0.72 -10.87 -6.51
CA ASP A 36 -0.15 -10.31 -7.52
C ASP A 36 -0.38 -8.84 -7.13
N PRO A 37 0.72 -8.05 -6.98
CA PRO A 37 0.65 -6.65 -6.54
C PRO A 37 -0.18 -5.77 -7.47
N THR A 1 -1.91 -5.43 -6.09
CA THR A 1 -3.14 -4.74 -6.24
C THR A 1 -3.45 -4.24 -4.85
N PHE A 2 -4.47 -3.44 -4.72
CA PHE A 2 -4.86 -2.87 -3.43
C PHE A 2 -4.72 -3.86 -2.27
N CYS A 3 -3.62 -3.72 -1.53
CA CYS A 3 -3.31 -4.60 -0.39
C CYS A 3 -4.50 -4.78 0.54
N GLY A 4 -4.84 -3.71 1.23
CA GLY A 4 -5.95 -3.70 2.16
C GLY A 4 -6.07 -2.35 2.81
N GLU A 5 -4.92 -1.83 3.23
CA GLU A 5 -4.83 -0.52 3.83
C GLU A 5 -4.71 0.52 2.73
N THR A 6 -4.76 1.79 3.09
CA THR A 6 -4.61 2.85 2.12
C THR A 6 -3.56 3.85 2.57
N CYS A 7 -2.47 3.89 1.85
CA CYS A 7 -1.40 4.84 2.14
C CYS A 7 -1.75 6.17 1.49
N ARG A 8 -2.88 6.73 1.93
CA ARG A 8 -3.40 7.97 1.39
C ARG A 8 -2.90 9.20 2.12
N VAL A 9 -3.65 9.64 3.11
CA VAL A 9 -3.28 10.82 3.84
C VAL A 9 -2.33 10.44 4.96
N ILE A 10 -2.54 9.23 5.46
CA ILE A 10 -1.71 8.64 6.49
C ILE A 10 -1.20 7.32 5.95
N PRO A 11 -0.18 7.39 5.06
CA PRO A 11 0.37 6.22 4.37
C PRO A 11 1.10 5.23 5.26
N VAL A 12 2.04 4.54 4.63
CA VAL A 12 2.85 3.52 5.27
C VAL A 12 1.98 2.36 5.74
N CYS A 13 1.48 1.60 4.79
CA CYS A 13 0.62 0.47 5.06
C CYS A 13 1.35 -0.50 5.99
N THR A 14 0.95 -0.54 7.27
CA THR A 14 1.63 -1.39 8.25
C THR A 14 1.22 -2.86 8.18
N TYR A 15 -0.06 -3.15 7.95
CA TYR A 15 -0.52 -4.53 7.86
C TYR A 15 -0.17 -5.08 6.49
N SER A 16 -0.37 -4.25 5.48
CA SER A 16 -0.06 -4.60 4.11
C SER A 16 1.44 -4.80 3.95
N ALA A 17 2.21 -4.17 4.83
CA ALA A 17 3.66 -4.27 4.80
C ALA A 17 4.13 -5.73 4.97
N ALA A 18 3.25 -6.61 5.44
CA ALA A 18 3.59 -8.03 5.61
C ALA A 18 4.06 -8.60 4.29
N LEU A 19 3.33 -8.25 3.24
CA LEU A 19 3.67 -8.65 1.88
C LEU A 19 4.73 -7.75 1.31
N GLY A 20 4.94 -6.65 1.99
CA GLY A 20 5.88 -5.66 1.55
C GLY A 20 5.12 -4.51 0.94
N CYS A 21 4.29 -4.86 -0.02
CA CYS A 21 3.42 -3.92 -0.71
C CYS A 21 4.22 -2.84 -1.48
N THR A 22 3.84 -2.65 -2.73
CA THR A 22 4.50 -1.73 -3.65
C THR A 22 3.94 -0.32 -3.55
N CYS A 23 3.11 -0.10 -2.53
CA CYS A 23 2.48 1.21 -2.29
C CYS A 23 3.43 2.36 -2.63
N ASP A 24 2.93 3.36 -3.33
CA ASP A 24 3.76 4.49 -3.77
C ASP A 24 3.84 5.60 -2.72
N ASP A 25 2.77 6.41 -2.64
CA ASP A 25 2.70 7.57 -1.73
C ASP A 25 3.66 8.64 -2.18
N ARG A 26 3.06 9.74 -2.59
CA ARG A 26 3.82 10.88 -3.08
C ARG A 26 3.00 12.13 -2.86
N SER A 27 1.76 12.02 -3.26
CA SER A 27 0.79 13.06 -3.15
C SER A 27 -0.54 12.35 -3.08
N ASP A 28 -0.53 11.30 -2.24
CA ASP A 28 -1.67 10.41 -2.02
C ASP A 28 -1.68 9.31 -3.09
N GLY A 29 -2.06 8.09 -2.71
CA GLY A 29 -2.08 6.99 -3.65
C GLY A 29 -2.91 5.81 -3.17
N LEU A 30 -2.29 4.62 -3.19
CA LEU A 30 -2.98 3.40 -2.80
C LEU A 30 -1.96 2.27 -2.60
N CYS A 31 -2.16 1.46 -1.54
CA CYS A 31 -1.25 0.34 -1.25
C CYS A 31 -1.44 -0.79 -2.25
N LYS A 32 -0.36 -1.25 -2.85
CA LYS A 32 -0.43 -2.36 -3.81
C LYS A 32 0.40 -3.52 -3.26
N ARG A 33 -0.08 -4.76 -3.42
CA ARG A 33 0.61 -5.93 -2.85
C ARG A 33 1.84 -6.36 -3.65
N ASN A 34 2.08 -7.67 -3.65
CA ASN A 34 3.18 -8.32 -4.36
C ASN A 34 2.71 -9.71 -4.74
N GLY A 35 3.10 -10.20 -5.91
CA GLY A 35 2.58 -11.49 -6.37
C GLY A 35 1.23 -11.24 -7.02
N ASP A 36 0.49 -10.40 -6.33
CA ASP A 36 -0.81 -9.90 -6.74
C ASP A 36 -0.83 -8.41 -6.36
N PRO A 37 0.16 -7.61 -6.84
CA PRO A 37 0.29 -6.18 -6.49
C PRO A 37 -0.90 -5.34 -6.93
N THR A 1 -2.17 -6.12 -6.44
CA THR A 1 -3.40 -5.45 -6.69
C THR A 1 -3.69 -4.67 -5.43
N PHE A 2 -4.53 -3.67 -5.54
CA PHE A 2 -4.86 -2.81 -4.42
C PHE A 2 -5.12 -3.60 -3.13
N CYS A 3 -4.17 -3.49 -2.20
CA CYS A 3 -4.23 -4.17 -0.91
C CYS A 3 -5.45 -3.72 -0.10
N GLY A 4 -5.57 -4.21 1.13
CA GLY A 4 -6.69 -3.84 1.96
C GLY A 4 -6.59 -2.41 2.47
N GLU A 5 -5.39 -2.02 2.86
CA GLU A 5 -5.13 -0.68 3.38
C GLU A 5 -5.05 0.35 2.27
N THR A 6 -5.05 1.62 2.67
CA THR A 6 -4.94 2.73 1.74
C THR A 6 -3.92 3.73 2.24
N CYS A 7 -2.88 3.96 1.46
CA CYS A 7 -1.84 4.90 1.81
C CYS A 7 -2.17 6.29 1.24
N ARG A 8 -3.21 6.90 1.81
CA ARG A 8 -3.70 8.22 1.37
C ARG A 8 -2.69 9.35 1.66
N VAL A 9 -3.13 10.32 2.46
CA VAL A 9 -2.29 11.46 2.81
C VAL A 9 -1.41 11.07 4.00
N ILE A 10 -1.79 9.95 4.59
CA ILE A 10 -1.03 9.33 5.67
C ILE A 10 -0.79 7.90 5.23
N PRO A 11 0.17 7.72 4.31
CA PRO A 11 0.48 6.42 3.71
C PRO A 11 1.12 5.40 4.64
N VAL A 12 1.92 4.56 4.01
CA VAL A 12 2.65 3.48 4.66
C VAL A 12 1.70 2.42 5.18
N CYS A 13 1.24 1.58 4.26
CA CYS A 13 0.34 0.49 4.59
C CYS A 13 1.03 -0.45 5.58
N THR A 14 0.64 -0.38 6.85
CA THR A 14 1.28 -1.18 7.90
C THR A 14 0.79 -2.63 7.94
N TYR A 15 -0.52 -2.83 7.80
CA TYR A 15 -1.11 -4.16 7.83
C TYR A 15 -0.73 -4.93 6.58
N SER A 16 -0.85 -4.23 5.47
CA SER A 16 -0.54 -4.78 4.17
C SER A 16 0.97 -4.84 3.93
N ALA A 17 1.73 -4.23 4.84
CA ALA A 17 3.18 -4.21 4.73
C ALA A 17 3.78 -5.61 4.84
N ALA A 18 3.04 -6.54 5.47
CA ALA A 18 3.50 -7.91 5.62
C ALA A 18 3.89 -8.51 4.27
N LEU A 19 3.06 -8.23 3.28
CA LEU A 19 3.30 -8.69 1.91
C LEU A 19 4.28 -7.81 1.17
N GLY A 20 4.58 -6.67 1.77
CA GLY A 20 5.48 -5.73 1.14
C GLY A 20 4.71 -4.90 0.15
N CYS A 21 3.47 -4.59 0.52
CA CYS A 21 2.57 -3.81 -0.31
C CYS A 21 3.22 -2.49 -0.72
N THR A 22 3.49 -2.35 -2.01
CA THR A 22 4.09 -1.14 -2.54
C THR A 22 3.04 -0.13 -2.91
N CYS A 23 3.20 1.05 -2.40
CA CYS A 23 2.26 2.12 -2.64
C CYS A 23 2.70 2.97 -3.84
N ASP A 24 2.51 4.27 -3.72
CA ASP A 24 2.88 5.25 -4.73
C ASP A 24 3.45 6.47 -4.01
N ASP A 25 2.58 7.12 -3.22
CA ASP A 25 2.95 8.29 -2.40
C ASP A 25 3.27 9.51 -3.23
N ARG A 26 2.52 10.57 -2.89
CA ARG A 26 2.57 11.89 -3.51
C ARG A 26 1.21 12.24 -4.02
N SER A 27 0.63 13.26 -3.40
CA SER A 27 -0.74 13.69 -3.67
C SER A 27 -1.67 12.75 -2.92
N ASP A 28 -1.31 11.47 -2.97
CA ASP A 28 -2.02 10.40 -2.29
C ASP A 28 -1.33 9.09 -2.70
N GLY A 29 -2.09 8.02 -2.90
CA GLY A 29 -1.47 6.77 -3.30
C GLY A 29 -2.45 5.65 -3.46
N LEU A 30 -1.96 4.44 -3.20
CA LEU A 30 -2.75 3.24 -3.32
C LEU A 30 -1.84 2.03 -3.07
N CYS A 31 -2.14 1.26 -2.02
CA CYS A 31 -1.33 0.09 -1.66
C CYS A 31 -1.45 -1.00 -2.73
N LYS A 32 -0.33 -1.60 -3.10
CA LYS A 32 -0.35 -2.66 -4.09
C LYS A 32 0.30 -3.91 -3.53
N ARG A 33 -0.31 -5.06 -3.81
CA ARG A 33 0.12 -6.35 -3.27
C ARG A 33 1.37 -6.90 -4.00
N ASN A 34 1.63 -8.19 -3.80
CA ASN A 34 2.75 -8.90 -4.41
C ASN A 34 2.32 -10.33 -4.65
N GLY A 35 2.86 -10.97 -5.68
CA GLY A 35 2.42 -12.32 -6.03
C GLY A 35 1.14 -12.22 -6.83
N ASP A 36 0.32 -11.31 -6.34
CA ASP A 36 -0.96 -10.93 -6.92
C ASP A 36 -1.10 -9.41 -6.67
N PRO A 37 -0.09 -8.61 -7.10
CA PRO A 37 -0.06 -7.16 -6.87
C PRO A 37 -1.30 -6.43 -7.38
N THR A 1 -1.72 -5.74 -6.30
CA THR A 1 -2.91 -5.00 -6.55
C THR A 1 -3.23 -4.31 -5.25
N PHE A 2 -4.29 -3.57 -5.19
CA PHE A 2 -4.67 -2.85 -3.99
C PHE A 2 -4.63 -3.77 -2.75
N CYS A 3 -3.60 -3.57 -1.92
CA CYS A 3 -3.37 -4.36 -0.72
C CYS A 3 -4.63 -4.45 0.15
N GLY A 4 -4.98 -3.34 0.78
CA GLY A 4 -6.14 -3.27 1.63
C GLY A 4 -6.22 -1.91 2.27
N GLU A 5 -5.07 -1.46 2.76
CA GLU A 5 -4.96 -0.14 3.36
C GLU A 5 -4.76 0.89 2.27
N THR A 6 -4.79 2.16 2.63
CA THR A 6 -4.58 3.21 1.67
C THR A 6 -3.51 4.18 2.13
N CYS A 7 -2.39 4.18 1.44
CA CYS A 7 -1.29 5.06 1.75
C CYS A 7 -1.52 6.44 1.12
N ARG A 8 -2.57 7.10 1.60
CA ARG A 8 -2.98 8.43 1.11
C ARG A 8 -2.28 9.55 1.86
N VAL A 9 -3.06 10.33 2.59
CA VAL A 9 -2.53 11.46 3.37
C VAL A 9 -2.11 10.98 4.74
N ILE A 10 -1.90 9.69 4.80
CA ILE A 10 -1.45 8.93 5.98
C ILE A 10 -1.03 7.57 5.46
N PRO A 11 0.05 7.52 4.69
CA PRO A 11 0.51 6.28 4.05
C PRO A 11 1.12 5.25 4.97
N VAL A 12 2.05 4.50 4.39
CA VAL A 12 2.76 3.44 5.07
C VAL A 12 1.80 2.34 5.48
N CYS A 13 1.36 1.56 4.51
CA CYS A 13 0.44 0.47 4.75
C CYS A 13 1.06 -0.48 5.78
N THR A 14 0.51 -0.50 7.00
CA THR A 14 1.06 -1.32 8.08
C THR A 14 0.68 -2.81 7.99
N TYR A 15 -0.57 -3.10 7.73
CA TYR A 15 -1.03 -4.48 7.62
C TYR A 15 -0.56 -5.08 6.30
N SER A 16 -0.68 -4.27 5.27
CA SER A 16 -0.27 -4.63 3.93
C SER A 16 1.25 -4.80 3.87
N ALA A 17 1.94 -4.20 4.82
CA ALA A 17 3.40 -4.28 4.88
C ALA A 17 3.87 -5.72 5.11
N ALA A 18 2.96 -6.61 5.53
CA ALA A 18 3.30 -8.01 5.76
C ALA A 18 3.86 -8.62 4.48
N LEU A 19 3.20 -8.32 3.37
CA LEU A 19 3.62 -8.76 2.05
C LEU A 19 4.74 -7.85 1.57
N GLY A 20 4.77 -6.66 2.12
CA GLY A 20 5.74 -5.67 1.75
C GLY A 20 5.01 -4.52 1.10
N CYS A 21 4.20 -4.88 0.12
CA CYS A 21 3.37 -3.94 -0.63
C CYS A 21 4.24 -2.90 -1.38
N THR A 22 3.93 -2.79 -2.66
CA THR A 22 4.64 -1.91 -3.58
C THR A 22 4.06 -0.50 -3.61
N CYS A 23 3.22 -0.21 -2.64
CA CYS A 23 2.57 1.10 -2.51
C CYS A 23 3.58 2.22 -2.85
N ASP A 24 3.12 3.24 -3.54
CA ASP A 24 4.00 4.34 -3.96
C ASP A 24 4.11 5.43 -2.90
N ASP A 25 2.97 5.97 -2.44
CA ASP A 25 2.94 7.03 -1.41
C ASP A 25 3.52 8.33 -1.91
N ARG A 26 2.66 9.33 -1.88
CA ARG A 26 2.96 10.66 -2.30
C ARG A 26 2.06 11.59 -1.51
N SER A 27 1.43 12.53 -2.20
CA SER A 27 0.46 13.38 -1.56
C SER A 27 -0.77 12.53 -1.30
N ASP A 28 -0.84 11.45 -2.09
CA ASP A 28 -1.90 10.46 -2.02
C ASP A 28 -1.58 9.38 -3.05
N GLY A 29 -2.13 8.19 -2.86
CA GLY A 29 -1.89 7.10 -3.77
C GLY A 29 -2.73 5.89 -3.46
N LEU A 30 -2.08 4.73 -3.41
CA LEU A 30 -2.78 3.48 -3.14
C LEU A 30 -1.79 2.34 -2.90
N CYS A 31 -2.06 1.53 -1.89
CA CYS A 31 -1.19 0.41 -1.56
C CYS A 31 -1.32 -0.70 -2.60
N LYS A 32 -0.19 -1.25 -3.03
CA LYS A 32 -0.18 -2.33 -4.00
C LYS A 32 0.53 -3.55 -3.40
N ARG A 33 -0.01 -4.73 -3.62
CA ARG A 33 0.51 -5.97 -3.02
C ARG A 33 1.76 -6.51 -3.69
N ASN A 34 1.97 -7.81 -3.50
CA ASN A 34 3.11 -8.55 -4.05
C ASN A 34 2.62 -9.96 -4.39
N GLY A 35 3.20 -10.58 -5.39
CA GLY A 35 2.76 -11.91 -5.83
C GLY A 35 1.56 -11.74 -6.73
N ASP A 36 0.63 -10.97 -6.20
CA ASP A 36 -0.58 -10.54 -6.88
C ASP A 36 -0.72 -9.04 -6.61
N PRO A 37 0.34 -8.24 -6.95
CA PRO A 37 0.38 -6.80 -6.67
C PRO A 37 -0.81 -6.02 -7.22
#